data_5J51
#
_entry.id   5J51
#
_cell.length_a   58.560
_cell.length_b   81.090
_cell.length_c   63.250
_cell.angle_alpha   90.00
_cell.angle_beta   108.05
_cell.angle_gamma   90.00
#
_symmetry.space_group_name_H-M   'P 1 21 1'
#
loop_
_entity.id
_entity.type
_entity.pdbx_description
1 polymer 'Agglutinin alpha chain'
2 polymer 'Agglutinin beta-3 chain'
3 branched alpha-D-galactopyranose-(1-4)-alpha-D-galactopyranose
4 non-polymer 1,2-ETHANEDIOL
5 non-polymer 'ISOPROPYL ALCOHOL'
6 non-polymer DI(HYDROXYETHYL)ETHER
7 water water
#
loop_
_entity_poly.entity_id
_entity_poly.type
_entity_poly.pdbx_seq_one_letter_code
_entity_poly.pdbx_strand_id
1 'polypeptide(L)'
;GKAFDDGAFTGIREINLSYNKETAIGDFQVVYDLNGSPYVGQNHKSFITGFTPVKISLDFPSEYIMEVSGYTGNVSGYVV
VRSLTFKTNKKTYGPYGVTSGTPFNLPIENGLIVGFKGSIGYWLDYFSMYLSL
;
A,C,E,G
2 'polypeptide(L)' EQSGISQTVIVGPWGAKVS B,D,F,H
#
loop_
_chem_comp.id
_chem_comp.type
_chem_comp.name
_chem_comp.formula
EDO non-polymer 1,2-ETHANEDIOL 'C2 H6 O2'
GLA D-saccharide, alpha linking alpha-D-galactopyranose 'C6 H12 O6'
IPA non-polymer 'ISOPROPYL ALCOHOL' 'C3 H8 O'
PEG non-polymer DI(HYDROXYETHYL)ETHER 'C4 H10 O3'
#
# COMPACT_ATOMS: atom_id res chain seq x y z
N GLY A 1 -24.58 16.58 -12.71
CA GLY A 1 -24.46 17.01 -11.29
C GLY A 1 -23.12 17.71 -10.99
N LYS A 2 -22.93 18.12 -9.74
CA LYS A 2 -21.69 18.76 -9.39
C LYS A 2 -20.71 17.70 -8.86
N ALA A 3 -19.54 17.64 -9.49
CA ALA A 3 -18.50 16.72 -9.03
C ALA A 3 -17.92 17.03 -7.62
N PHE A 4 -17.61 16.00 -6.86
CA PHE A 4 -16.83 16.24 -5.63
C PHE A 4 -15.76 15.16 -5.49
N ASP A 5 -14.74 15.47 -4.73
CA ASP A 5 -13.61 14.45 -4.53
C ASP A 5 -12.95 14.85 -3.26
N ASP A 6 -13.27 14.12 -2.17
CA ASP A 6 -12.73 14.55 -0.89
C ASP A 6 -11.24 14.25 -0.80
N GLY A 7 -10.78 13.29 -1.61
CA GLY A 7 -9.41 12.72 -1.45
C GLY A 7 -9.30 11.62 -0.34
N ALA A 8 -8.08 11.25 0.05
CA ALA A 8 -7.89 10.11 0.98
C ALA A 8 -7.46 10.61 2.36
N PHE A 9 -7.84 9.86 3.40
CA PHE A 9 -7.59 10.22 4.81
C PHE A 9 -7.12 8.98 5.57
N THR A 10 -7.23 9.02 6.88
CA THR A 10 -6.71 7.99 7.79
C THR A 10 -7.83 7.06 8.18
N GLY A 11 -9.11 7.43 7.94
CA GLY A 11 -10.20 6.64 8.47
C GLY A 11 -11.48 7.47 8.32
N ILE A 12 -12.53 6.91 8.87
CA ILE A 12 -13.86 7.55 8.86
C ILE A 12 -14.43 7.56 10.31
N ARG A 13 -14.83 8.75 10.75
CA ARG A 13 -15.50 8.98 12.00
C ARG A 13 -17.02 9.11 11.91
N GLU A 14 -17.56 9.80 10.90
CA GLU A 14 -18.98 10.04 10.85
C GLU A 14 -19.38 10.24 9.42
N ILE A 15 -20.58 9.75 9.07
CA ILE A 15 -21.12 10.01 7.75
C ILE A 15 -22.49 10.74 7.96
N ASN A 16 -22.69 11.84 7.25
CA ASN A 16 -23.92 12.56 7.37
C ASN A 16 -24.51 12.59 6.00
N LEU A 17 -25.66 11.97 5.84
CA LEU A 17 -26.27 12.00 4.48
C LEU A 17 -27.75 12.31 4.58
N SER A 18 -28.36 12.55 3.41
CA SER A 18 -29.84 12.70 3.45
C SER A 18 -30.45 11.82 2.34
N TYR A 19 -31.74 11.48 2.50
CA TYR A 19 -32.36 10.57 1.60
C TYR A 19 -33.84 10.90 1.50
N ASN A 20 -34.53 10.38 0.48
CA ASN A 20 -35.98 10.51 0.46
C ASN A 20 -36.49 9.10 0.13
N LYS A 21 -37.48 8.62 0.89
CA LYS A 21 -38.03 7.27 0.79
C LYS A 21 -38.84 7.07 -0.50
N GLU A 22 -38.98 8.11 -1.29
CA GLU A 22 -39.60 7.97 -2.61
C GLU A 22 -38.65 8.19 -3.76
N THR A 23 -37.41 8.65 -3.47
CA THR A 23 -36.55 8.97 -4.61
C THR A 23 -35.18 8.33 -4.50
N ALA A 24 -34.28 9.00 -3.81
CA ALA A 24 -32.90 8.56 -3.78
C ALA A 24 -32.07 9.29 -2.68
N ILE A 25 -30.76 9.07 -2.73
CA ILE A 25 -29.83 9.76 -1.84
C ILE A 25 -29.65 11.19 -2.33
N GLY A 26 -29.63 12.13 -1.42
CA GLY A 26 -29.43 13.57 -1.71
C GLY A 26 -28.05 14.02 -1.24
N ASP A 27 -27.99 14.65 -0.07
CA ASP A 27 -26.73 15.28 0.45
C ASP A 27 -25.77 14.20 0.95
N PHE A 28 -24.48 14.50 0.93
CA PHE A 28 -23.48 13.54 1.43
C PHE A 28 -22.31 14.31 1.96
N GLN A 29 -21.93 13.98 3.20
CA GLN A 29 -20.79 14.64 3.87
C GLN A 29 -20.08 13.62 4.78
N VAL A 30 -18.76 13.73 4.92
CA VAL A 30 -18.05 12.74 5.75
C VAL A 30 -17.15 13.48 6.76
N VAL A 31 -17.16 13.05 8.03
CA VAL A 31 -16.09 13.49 8.93
C VAL A 31 -15.05 12.39 8.90
N TYR A 32 -13.89 12.63 8.29
CA TYR A 32 -12.82 11.62 8.27
C TYR A 32 -11.99 11.72 9.52
N ASP A 33 -11.10 10.73 9.72
CA ASP A 33 -10.01 10.97 10.58
C ASP A 33 -8.79 11.34 9.74
N LEU A 34 -7.97 12.26 10.28
CA LEU A 34 -6.72 12.55 9.59
C LEU A 34 -5.66 12.49 10.71
N ASN A 35 -4.92 11.35 10.76
CA ASN A 35 -3.84 11.13 11.83
C ASN A 35 -4.35 11.47 13.23
N GLY A 36 -5.58 11.05 13.55
CA GLY A 36 -6.06 11.23 14.92
C GLY A 36 -6.92 12.46 15.18
N SER A 37 -6.96 13.38 14.21
CA SER A 37 -7.83 14.56 14.29
C SER A 37 -9.01 14.42 13.38
N PRO A 38 -10.23 14.84 13.82
CA PRO A 38 -11.32 14.81 12.84
C PRO A 38 -11.10 15.81 11.69
N TYR A 39 -11.38 15.39 10.45
CA TYR A 39 -11.26 16.21 9.27
C TYR A 39 -12.70 16.40 8.73
N VAL A 40 -13.25 17.60 8.82
CA VAL A 40 -14.63 17.79 8.44
C VAL A 40 -14.66 17.98 6.94
N GLY A 41 -15.12 16.95 6.22
CA GLY A 41 -15.15 17.07 4.79
C GLY A 41 -16.25 18.05 4.39
N GLN A 42 -16.13 18.62 3.19
CA GLN A 42 -17.19 19.54 2.69
C GLN A 42 -18.55 18.83 2.57
N ASN A 43 -19.63 19.52 2.88
CA ASN A 43 -20.97 18.96 2.80
C ASN A 43 -21.33 19.06 1.31
N HIS A 44 -21.53 17.93 0.67
CA HIS A 44 -21.86 17.93 -0.76
C HIS A 44 -23.35 17.92 -0.84
N LYS A 45 -23.91 19.06 -1.23
CA LYS A 45 -25.38 19.23 -1.15
C LYS A 45 -26.11 18.92 -2.48
N SER A 46 -27.22 18.18 -2.39
CA SER A 46 -28.23 18.20 -3.50
C SER A 46 -28.61 19.63 -3.89
N PHE A 47 -28.99 19.75 -5.17
CA PHE A 47 -29.53 21.00 -5.73
C PHE A 47 -30.95 21.22 -5.24
N ILE A 48 -31.57 20.21 -4.64
CA ILE A 48 -33.00 20.36 -4.18
C ILE A 48 -33.12 20.04 -2.68
N THR A 49 -34.27 20.39 -2.09
CA THR A 49 -34.53 20.10 -0.67
C THR A 49 -35.60 19.04 -0.56
N GLY A 50 -36.02 18.71 0.67
CA GLY A 50 -37.04 17.70 0.89
C GLY A 50 -36.48 16.35 1.35
N PHE A 51 -35.21 16.31 1.72
CA PHE A 51 -34.65 15.05 2.24
C PHE A 51 -34.68 14.90 3.76
N THR A 52 -34.56 13.65 4.26
CA THR A 52 -34.42 13.32 5.70
C THR A 52 -32.95 13.16 5.98
N PRO A 53 -32.39 13.92 6.95
CA PRO A 53 -31.00 13.68 7.33
C PRO A 53 -30.78 12.52 8.26
N VAL A 54 -29.63 11.87 8.10
N VAL A 54 -29.61 11.89 8.12
CA VAL A 54 -29.14 10.85 9.03
CA VAL A 54 -29.14 10.87 9.06
C VAL A 54 -27.72 11.21 9.41
C VAL A 54 -27.66 10.99 9.36
N LYS A 55 -27.37 10.93 10.67
CA LYS A 55 -25.98 11.03 11.13
C LYS A 55 -25.58 9.61 11.58
N ILE A 56 -24.49 9.11 10.99
CA ILE A 56 -23.95 7.76 11.27
C ILE A 56 -22.64 8.08 11.97
N SER A 57 -22.67 8.01 13.30
CA SER A 57 -21.50 8.37 14.12
C SER A 57 -20.77 7.09 14.50
N LEU A 58 -19.57 6.89 14.00
CA LEU A 58 -18.95 5.60 14.22
C LEU A 58 -18.12 5.68 15.45
N ASP A 59 -18.03 4.54 16.16
CA ASP A 59 -17.11 4.50 17.30
C ASP A 59 -15.67 4.27 16.81
N PHE A 60 -15.08 5.28 16.15
CA PHE A 60 -13.73 5.20 15.63
C PHE A 60 -12.77 5.17 16.84
N PRO A 61 -11.68 4.41 16.75
CA PRO A 61 -11.28 3.53 15.65
C PRO A 61 -11.72 2.09 15.80
N SER A 62 -12.43 1.75 16.87
CA SER A 62 -12.75 0.31 17.00
C SER A 62 -13.82 -0.20 15.97
N GLU A 63 -14.65 0.76 15.49
CA GLU A 63 -15.75 0.47 14.57
C GLU A 63 -15.40 0.99 13.16
N TYR A 64 -15.54 0.15 12.13
CA TYR A 64 -15.18 0.62 10.79
C TYR A 64 -16.06 -0.13 9.78
N ILE A 65 -16.25 0.51 8.62
CA ILE A 65 -17.14 -0.03 7.59
C ILE A 65 -16.53 -1.27 6.95
N MET A 66 -17.31 -2.35 6.87
CA MET A 66 -16.91 -3.57 6.23
C MET A 66 -17.66 -3.81 4.92
N GLU A 67 -18.79 -3.12 4.66
CA GLU A 67 -19.44 -3.34 3.38
C GLU A 67 -20.30 -2.14 3.10
N VAL A 68 -20.16 -1.62 1.90
CA VAL A 68 -21.09 -0.56 1.47
C VAL A 68 -21.99 -1.21 0.41
N SER A 69 -23.30 -1.00 0.43
CA SER A 69 -24.10 -1.66 -0.63
C SER A 69 -25.23 -0.69 -0.92
N GLY A 70 -26.01 -0.96 -1.96
CA GLY A 70 -27.04 -0.01 -2.34
C GLY A 70 -27.75 -0.45 -3.61
N TYR A 71 -28.54 0.46 -4.19
CA TYR A 71 -29.26 0.26 -5.45
C TYR A 71 -29.04 1.46 -6.32
N THR A 72 -28.89 1.23 -7.62
CA THR A 72 -28.95 2.33 -8.56
C THR A 72 -30.22 2.19 -9.41
N GLY A 73 -30.78 3.31 -9.86
CA GLY A 73 -31.93 3.23 -10.79
C GLY A 73 -32.43 4.59 -11.23
N ASN A 74 -33.45 4.58 -12.08
CA ASN A 74 -34.13 5.80 -12.62
C ASN A 74 -34.77 6.63 -11.58
N VAL A 75 -34.47 7.92 -11.62
CA VAL A 75 -35.33 8.91 -10.96
C VAL A 75 -35.41 10.08 -11.91
N SER A 76 -36.61 10.44 -12.37
CA SER A 76 -36.80 11.56 -13.26
C SER A 76 -35.99 11.44 -14.58
N GLY A 77 -35.73 10.22 -15.05
CA GLY A 77 -34.99 10.02 -16.31
C GLY A 77 -33.46 9.91 -16.13
N TYR A 78 -33.00 10.06 -14.89
CA TYR A 78 -31.57 9.92 -14.60
C TYR A 78 -31.25 8.65 -13.80
N VAL A 79 -30.09 8.05 -14.06
CA VAL A 79 -29.63 6.95 -13.24
C VAL A 79 -28.92 7.53 -12.05
N VAL A 80 -29.41 7.20 -10.86
CA VAL A 80 -28.79 7.76 -9.66
C VAL A 80 -28.59 6.65 -8.61
N VAL A 81 -27.99 7.01 -7.49
CA VAL A 81 -27.86 6.06 -6.40
C VAL A 81 -29.13 6.22 -5.50
N ARG A 82 -30.02 5.22 -5.58
N ARG A 82 -29.99 5.19 -5.56
CA ARG A 82 -31.31 5.29 -4.94
CA ARG A 82 -31.29 5.16 -4.91
C ARG A 82 -31.28 4.87 -3.50
C ARG A 82 -31.25 4.93 -3.41
N SER A 83 -30.20 4.20 -3.09
N SER A 83 -30.40 4.00 -2.98
CA SER A 83 -30.13 3.73 -1.74
CA SER A 83 -30.25 3.67 -1.59
C SER A 83 -28.69 3.37 -1.33
C SER A 83 -28.78 3.33 -1.30
N LEU A 84 -28.40 3.54 -0.03
CA LEU A 84 -27.10 3.10 0.58
C LEU A 84 -27.35 2.41 1.90
N THR A 85 -26.45 1.45 2.20
CA THR A 85 -26.40 0.70 3.45
C THR A 85 -24.96 0.58 3.83
N PHE A 86 -24.62 0.90 5.10
CA PHE A 86 -23.26 0.78 5.55
C PHE A 86 -23.24 -0.23 6.64
N LYS A 87 -22.45 -1.28 6.43
N LYS A 87 -22.49 -1.32 6.44
CA LYS A 87 -22.30 -2.31 7.46
CA LYS A 87 -22.40 -2.36 7.48
C LYS A 87 -20.94 -2.13 8.11
C LYS A 87 -21.01 -2.27 8.11
N THR A 88 -20.92 -2.04 9.43
CA THR A 88 -19.62 -2.03 10.10
C THR A 88 -19.44 -3.36 10.83
N ASN A 89 -18.29 -3.51 11.47
CA ASN A 89 -18.09 -4.59 12.41
C ASN A 89 -19.00 -4.55 13.63
N LYS A 90 -19.77 -3.50 13.82
CA LYS A 90 -20.58 -3.40 15.01
C LYS A 90 -22.05 -3.39 14.71
N LYS A 91 -22.43 -2.81 13.58
CA LYS A 91 -23.87 -2.80 13.22
C LYS A 91 -24.14 -2.33 11.82
N THR A 92 -25.43 -2.29 11.47
CA THR A 92 -25.84 -1.99 10.11
C THR A 92 -26.60 -0.66 10.15
N TYR A 93 -26.20 0.26 9.27
CA TYR A 93 -26.88 1.53 9.14
C TYR A 93 -27.53 1.57 7.77
N GLY A 94 -28.84 1.72 7.79
CA GLY A 94 -29.61 1.71 6.54
C GLY A 94 -30.35 0.37 6.38
N PRO A 95 -30.97 0.17 5.23
CA PRO A 95 -30.92 1.00 4.03
C PRO A 95 -31.54 2.40 4.16
N TYR A 96 -30.91 3.36 3.49
CA TYR A 96 -31.52 4.71 3.32
C TYR A 96 -31.89 4.95 1.92
N GLY A 97 -33.09 5.47 1.65
CA GLY A 97 -33.45 5.69 0.28
C GLY A 97 -34.43 4.61 -0.18
N VAL A 98 -34.38 4.34 -1.46
CA VAL A 98 -35.32 3.42 -2.11
C VAL A 98 -34.55 2.17 -2.58
N THR A 99 -35.00 1.01 -2.11
CA THR A 99 -34.22 -0.19 -2.35
C THR A 99 -34.75 -0.93 -3.58
N SER A 100 -34.64 -0.33 -4.75
CA SER A 100 -35.06 -1.05 -5.95
C SER A 100 -34.19 -0.55 -7.14
N GLY A 101 -34.10 -1.32 -8.21
CA GLY A 101 -33.20 -0.97 -9.26
C GLY A 101 -32.16 -2.08 -9.30
N THR A 102 -30.96 -1.71 -9.69
CA THR A 102 -29.81 -2.63 -9.82
C THR A 102 -29.00 -2.62 -8.52
N PRO A 103 -28.90 -3.77 -7.79
CA PRO A 103 -28.06 -3.77 -6.56
C PRO A 103 -26.57 -3.65 -6.89
N PHE A 104 -25.82 -3.07 -5.98
CA PHE A 104 -24.36 -3.20 -6.02
C PHE A 104 -23.86 -3.34 -4.58
N ASN A 105 -22.61 -3.77 -4.46
CA ASN A 105 -22.03 -3.90 -3.14
C ASN A 105 -20.52 -3.96 -3.24
N LEU A 106 -19.89 -3.36 -2.24
CA LEU A 106 -18.43 -3.48 -2.05
C LEU A 106 -18.18 -4.01 -0.64
N PRO A 107 -18.11 -5.36 -0.46
CA PRO A 107 -17.63 -5.89 0.79
C PRO A 107 -16.12 -5.84 0.83
N ILE A 108 -15.55 -5.71 2.03
CA ILE A 108 -14.06 -5.63 2.20
C ILE A 108 -13.65 -6.73 3.15
N GLU A 109 -12.79 -7.62 2.70
CA GLU A 109 -12.24 -8.58 3.65
C GLU A 109 -11.04 -8.00 4.40
N ASN A 110 -10.28 -7.12 3.71
CA ASN A 110 -9.10 -6.55 4.35
C ASN A 110 -8.85 -5.19 3.76
N GLY A 111 -8.75 -4.20 4.64
CA GLY A 111 -8.52 -2.82 4.21
C GLY A 111 -9.66 -1.92 4.74
N LEU A 112 -9.56 -0.62 4.39
CA LEU A 112 -10.42 0.45 4.93
C LEU A 112 -10.79 1.43 3.82
N ILE A 113 -12.04 1.87 3.88
CA ILE A 113 -12.50 3.01 3.13
C ILE A 113 -11.91 4.26 3.77
N VAL A 114 -11.24 5.06 2.95
CA VAL A 114 -10.50 6.25 3.45
C VAL A 114 -10.92 7.51 2.72
N GLY A 115 -11.89 7.41 1.81
CA GLY A 115 -12.24 8.59 1.04
C GLY A 115 -13.37 8.32 0.09
N PHE A 116 -14.11 9.42 -0.22
CA PHE A 116 -15.20 9.34 -1.22
C PHE A 116 -15.03 10.40 -2.27
N LYS A 117 -15.58 10.13 -3.47
CA LYS A 117 -15.61 11.12 -4.58
C LYS A 117 -16.91 10.74 -5.35
N GLY A 118 -17.42 11.62 -6.23
CA GLY A 118 -18.66 11.30 -6.88
C GLY A 118 -19.25 12.54 -7.50
N SER A 119 -20.58 12.52 -7.69
CA SER A 119 -21.24 13.64 -8.36
C SER A 119 -22.62 13.71 -7.75
N ILE A 120 -23.09 14.90 -7.43
CA ILE A 120 -24.46 15.10 -6.87
C ILE A 120 -25.15 16.21 -7.67
N GLY A 121 -26.33 15.88 -8.25
CA GLY A 121 -27.22 16.91 -8.92
C GLY A 121 -28.42 17.07 -8.00
N TYR A 122 -29.57 16.67 -8.49
CA TYR A 122 -30.73 16.58 -7.64
C TYR A 122 -30.48 15.42 -6.65
N TRP A 123 -29.85 14.36 -7.14
CA TRP A 123 -29.57 13.18 -6.31
C TRP A 123 -28.13 12.84 -6.47
N LEU A 124 -27.66 11.98 -5.60
CA LEU A 124 -26.32 11.42 -5.77
C LEU A 124 -26.28 10.60 -7.08
N ASP A 125 -25.48 11.05 -8.05
CA ASP A 125 -25.43 10.40 -9.38
C ASP A 125 -24.57 9.13 -9.42
N TYR A 126 -23.38 9.25 -8.84
CA TYR A 126 -22.43 8.13 -8.74
C TYR A 126 -21.43 8.44 -7.63
N PHE A 127 -20.69 7.42 -7.21
CA PHE A 127 -19.59 7.66 -6.29
C PHE A 127 -18.58 6.55 -6.43
N SER A 128 -17.41 6.86 -5.94
CA SER A 128 -16.27 5.90 -5.80
C SER A 128 -15.65 6.07 -4.43
N MET A 129 -14.84 5.08 -4.03
CA MET A 129 -14.21 5.06 -2.75
C MET A 129 -12.73 4.76 -2.85
N TYR A 130 -11.97 5.51 -2.07
CA TYR A 130 -10.56 5.25 -1.89
C TYR A 130 -10.39 4.16 -0.82
N LEU A 131 -9.48 3.19 -1.07
CA LEU A 131 -9.22 2.07 -0.14
C LEU A 131 -7.78 2.09 0.27
N SER A 132 -7.56 1.78 1.55
CA SER A 132 -6.18 1.66 2.04
C SER A 132 -6.04 0.56 3.08
N LEU A 133 -4.81 0.07 3.31
CA LEU A 133 -4.53 -0.79 4.45
C LEU A 133 -4.46 -0.03 5.75
N SER B 3 5.50 10.94 -9.71
CA SER B 3 5.48 12.33 -9.14
C SER B 3 5.59 12.32 -7.63
N GLY B 4 5.53 13.51 -7.06
CA GLY B 4 5.59 13.62 -5.63
C GLY B 4 4.25 13.47 -4.92
N ILE B 5 3.20 13.13 -5.66
CA ILE B 5 1.83 12.89 -5.06
C ILE B 5 1.62 11.39 -4.83
N SER B 6 1.27 11.07 -3.61
CA SER B 6 1.01 9.72 -3.18
C SER B 6 -0.28 9.19 -3.87
N GLN B 7 -0.40 7.87 -4.01
CA GLN B 7 -1.57 7.28 -4.70
C GLN B 7 -2.25 6.33 -3.75
N THR B 8 -3.48 5.99 -4.13
CA THR B 8 -4.32 5.16 -3.26
C THR B 8 -5.18 4.33 -4.27
N VAL B 9 -5.51 3.09 -3.88
CA VAL B 9 -6.47 2.26 -4.61
C VAL B 9 -7.82 3.01 -4.60
N ILE B 10 -8.49 3.07 -5.75
CA ILE B 10 -9.85 3.61 -5.82
C ILE B 10 -10.75 2.60 -6.55
N VAL B 11 -11.87 2.22 -5.91
CA VAL B 11 -12.83 1.37 -6.59
C VAL B 11 -14.12 2.19 -6.88
N GLY B 12 -14.80 1.80 -7.94
CA GLY B 12 -15.98 2.53 -8.38
C GLY B 12 -15.76 2.96 -9.81
N PRO B 13 -16.70 3.74 -10.37
CA PRO B 13 -17.89 4.27 -9.69
C PRO B 13 -19.09 3.30 -9.69
N TRP B 14 -20.02 3.54 -8.76
CA TRP B 14 -21.36 2.93 -8.79
C TRP B 14 -22.34 4.02 -8.98
N GLY B 15 -23.38 3.78 -9.80
CA GLY B 15 -24.35 4.82 -10.13
C GLY B 15 -24.46 4.99 -11.65
N ALA B 16 -24.68 6.23 -12.09
CA ALA B 16 -24.73 6.56 -13.47
C ALA B 16 -23.36 6.31 -14.12
N LYS B 17 -23.39 5.76 -15.32
CA LYS B 17 -22.15 5.64 -16.09
C LYS B 17 -22.00 6.82 -17.01
N GLY C 1 -18.46 -25.55 -1.46
CA GLY C 1 -17.38 -26.14 -2.31
C GLY C 1 -16.07 -26.20 -1.57
N LYS C 2 -15.01 -26.46 -2.34
CA LYS C 2 -13.68 -26.46 -1.77
C LYS C 2 -13.10 -25.05 -1.83
N ALA C 3 -12.65 -24.51 -0.70
CA ALA C 3 -12.01 -23.17 -0.71
C ALA C 3 -10.71 -23.14 -1.43
N PHE C 4 -10.38 -21.97 -1.99
CA PHE C 4 -9.04 -21.77 -2.49
C PHE C 4 -8.60 -20.35 -2.18
N ASP C 5 -7.29 -20.10 -2.29
CA ASP C 5 -6.78 -18.79 -1.99
C ASP C 5 -5.43 -18.76 -2.68
N ASP C 6 -5.36 -18.06 -3.79
CA ASP C 6 -4.06 -18.00 -4.50
C ASP C 6 -3.03 -17.08 -3.84
N GLY C 7 -3.51 -16.10 -3.08
CA GLY C 7 -2.67 -15.09 -2.50
C GLY C 7 -2.45 -13.99 -3.53
N ALA C 8 -1.46 -13.17 -3.24
CA ALA C 8 -1.23 -11.99 -4.05
C ALA C 8 0.05 -12.11 -4.88
N PHE C 9 -0.02 -11.55 -6.06
CA PHE C 9 1.07 -11.58 -7.04
C PHE C 9 1.33 -10.17 -7.53
N THR C 10 1.96 -10.06 -8.70
CA THR C 10 2.22 -8.70 -9.21
C THR C 10 1.37 -8.26 -10.41
N GLY C 11 0.51 -9.16 -10.89
CA GLY C 11 -0.28 -8.82 -12.07
C GLY C 11 -0.96 -10.08 -12.53
N ILE C 12 -1.76 -9.90 -13.58
CA ILE C 12 -2.47 -11.05 -14.22
C ILE C 12 -2.05 -11.17 -15.66
N ARG C 13 -1.63 -12.38 -16.06
CA ARG C 13 -1.26 -12.62 -17.49
C ARG C 13 -2.36 -13.32 -18.28
N GLU C 14 -3.03 -14.26 -17.64
CA GLU C 14 -3.98 -15.14 -18.34
C GLU C 14 -5.04 -15.62 -17.38
N ILE C 15 -6.30 -15.70 -17.81
CA ILE C 15 -7.35 -16.33 -16.96
C ILE C 15 -7.88 -17.49 -17.73
N ASN C 16 -7.83 -18.67 -17.15
CA ASN C 16 -8.49 -19.84 -17.75
C ASN C 16 -9.74 -20.16 -16.92
N LEU C 17 -10.91 -20.13 -17.54
CA LEU C 17 -12.12 -20.42 -16.79
C LEU C 17 -12.95 -21.39 -17.61
N SER C 18 -14.00 -21.95 -17.03
CA SER C 18 -14.96 -22.70 -17.90
C SER C 18 -16.39 -22.40 -17.47
N TYR C 19 -17.33 -22.69 -18.31
CA TYR C 19 -18.70 -22.33 -18.03
C TYR C 19 -19.62 -23.21 -18.83
N ASN C 20 -20.86 -23.26 -18.40
CA ASN C 20 -21.86 -23.86 -19.27
C ASN C 20 -23.05 -22.89 -19.34
N LYS C 21 -23.54 -22.64 -20.56
CA LYS C 21 -24.70 -21.78 -20.81
C LYS C 21 -26.02 -22.27 -20.25
N GLU C 22 -26.11 -23.51 -19.74
CA GLU C 22 -27.31 -23.92 -19.00
C GLU C 22 -27.15 -23.79 -17.49
N THR C 23 -25.92 -23.61 -16.99
CA THR C 23 -25.69 -23.72 -15.55
C THR C 23 -24.88 -22.48 -15.08
N ALA C 24 -23.56 -22.59 -15.04
CA ALA C 24 -22.79 -21.54 -14.36
C ALA C 24 -21.31 -21.72 -14.63
N ILE C 25 -20.49 -20.89 -13.96
CA ILE C 25 -19.07 -20.97 -14.08
C ILE C 25 -18.61 -22.22 -13.33
N GLY C 26 -17.65 -22.96 -13.90
CA GLY C 26 -17.17 -24.23 -13.37
C GLY C 26 -15.78 -24.21 -12.77
N ASP C 27 -14.78 -23.89 -13.59
CA ASP C 27 -13.37 -24.07 -13.17
C ASP C 27 -12.71 -22.71 -13.27
N PHE C 28 -11.59 -22.57 -12.58
CA PHE C 28 -10.88 -21.24 -12.61
C PHE C 28 -9.41 -21.47 -12.35
N GLN C 29 -8.56 -20.97 -13.25
CA GLN C 29 -7.09 -21.03 -13.08
C GLN C 29 -6.46 -19.72 -13.63
N VAL C 30 -5.59 -19.08 -12.83
CA VAL C 30 -4.98 -17.80 -13.22
C VAL C 30 -3.47 -18.04 -13.45
N VAL C 31 -2.93 -17.51 -14.54
CA VAL C 31 -1.49 -17.40 -14.71
C VAL C 31 -1.21 -15.95 -14.30
N TYR C 32 -0.49 -15.81 -13.20
CA TYR C 32 -0.17 -14.50 -12.68
C TYR C 32 1.10 -14.00 -13.28
N ASP C 33 1.37 -12.71 -13.05
CA ASP C 33 2.70 -12.22 -13.13
C ASP C 33 3.35 -12.26 -11.75
N LEU C 34 4.61 -12.69 -11.69
CA LEU C 34 5.41 -12.55 -10.49
C LEU C 34 6.72 -11.86 -10.81
N ASN C 35 6.76 -10.55 -10.55
CA ASN C 35 7.96 -9.71 -10.81
C ASN C 35 8.45 -9.84 -12.24
N GLY C 36 7.50 -9.88 -13.18
CA GLY C 36 7.88 -9.93 -14.60
C GLY C 36 8.04 -11.35 -15.14
N SER C 37 7.80 -12.39 -14.32
CA SER C 37 7.80 -13.77 -14.83
C SER C 37 6.47 -14.40 -14.70
N PRO C 38 6.11 -15.31 -15.61
CA PRO C 38 4.84 -16.00 -15.37
C PRO C 38 4.84 -16.96 -14.20
N TYR C 39 3.72 -17.01 -13.48
CA TYR C 39 3.54 -17.95 -12.36
C TYR C 39 2.18 -18.64 -12.62
N VAL C 40 2.22 -19.96 -12.84
CA VAL C 40 1.00 -20.69 -13.18
C VAL C 40 0.28 -21.05 -11.89
N GLY C 41 -0.90 -20.49 -11.67
CA GLY C 41 -1.56 -20.66 -10.37
C GLY C 41 -2.17 -22.03 -10.31
N GLN C 42 -2.57 -22.46 -9.11
CA GLN C 42 -3.34 -23.69 -8.96
C GLN C 42 -4.62 -23.69 -9.84
N ASN C 43 -4.95 -24.86 -10.37
CA ASN C 43 -6.12 -24.99 -11.24
C ASN C 43 -7.27 -25.45 -10.32
N HIS C 44 -8.25 -24.54 -10.13
CA HIS C 44 -9.38 -24.84 -9.18
C HIS C 44 -10.51 -25.45 -9.99
N LYS C 45 -10.74 -26.75 -9.83
CA LYS C 45 -11.69 -27.45 -10.68
C LYS C 45 -13.02 -27.71 -9.92
N SER C 46 -14.12 -27.64 -10.66
CA SER C 46 -15.41 -28.13 -10.15
C SER C 46 -15.34 -29.62 -9.75
N PHE C 47 -16.25 -30.02 -8.85
CA PHE C 47 -16.45 -31.44 -8.57
C PHE C 47 -16.98 -32.22 -9.77
N ILE C 48 -17.57 -31.53 -10.76
CA ILE C 48 -18.07 -32.24 -11.94
C ILE C 48 -17.39 -31.71 -13.18
N THR C 49 -17.62 -32.37 -14.30
CA THR C 49 -16.97 -31.99 -15.58
C THR C 49 -18.08 -31.85 -16.68
N GLY C 50 -17.70 -31.30 -17.84
CA GLY C 50 -18.65 -31.01 -18.91
C GLY C 50 -18.61 -29.53 -19.32
N PHE C 51 -17.87 -28.69 -18.62
CA PHE C 51 -17.82 -27.27 -18.93
C PHE C 51 -17.04 -26.96 -20.22
N THR C 52 -17.34 -25.82 -20.85
CA THR C 52 -16.61 -25.32 -22.00
C THR C 52 -15.46 -24.40 -21.53
N PRO C 53 -14.21 -24.76 -21.89
CA PRO C 53 -13.06 -23.99 -21.43
C PRO C 53 -12.84 -22.72 -22.27
N VAL C 54 -12.33 -21.69 -21.63
N VAL C 54 -12.35 -21.68 -21.59
CA VAL C 54 -11.99 -20.47 -22.33
CA VAL C 54 -12.08 -20.33 -22.15
C VAL C 54 -10.68 -19.95 -21.74
C VAL C 54 -10.66 -19.95 -21.70
N LYS C 55 -9.84 -19.41 -22.62
CA LYS C 55 -8.59 -18.82 -22.21
C LYS C 55 -8.63 -17.33 -22.57
N ILE C 56 -8.46 -16.49 -21.55
CA ILE C 56 -8.32 -15.03 -21.72
C ILE C 56 -6.82 -14.72 -21.58
N SER C 57 -6.18 -14.44 -22.73
CA SER C 57 -4.75 -14.18 -22.73
C SER C 57 -4.57 -12.68 -22.85
N LEU C 58 -4.15 -12.06 -21.75
CA LEU C 58 -3.96 -10.62 -21.74
C LEU C 58 -2.62 -10.19 -22.29
N ASP C 59 -2.60 -9.01 -22.92
CA ASP C 59 -1.37 -8.43 -23.46
C ASP C 59 -0.64 -7.73 -22.31
N PHE C 60 -0.15 -8.53 -21.35
CA PHE C 60 0.54 -8.02 -20.18
C PHE C 60 1.88 -7.49 -20.63
N PRO C 61 2.33 -6.37 -20.09
CA PRO C 61 1.74 -5.60 -19.04
C PRO C 61 0.87 -4.42 -19.49
N SER C 62 0.75 -4.18 -20.80
CA SER C 62 -0.05 -3.02 -21.20
C SER C 62 -1.54 -3.19 -20.96
N GLU C 63 -2.02 -4.44 -20.95
CA GLU C 63 -3.45 -4.70 -20.83
C GLU C 63 -3.74 -5.17 -19.40
N TYR C 64 -4.77 -4.64 -18.78
CA TYR C 64 -5.11 -4.97 -17.42
C TYR C 64 -6.59 -4.83 -17.18
N ILE C 65 -7.09 -5.67 -16.28
CA ILE C 65 -8.53 -5.63 -15.92
C ILE C 65 -8.96 -4.33 -15.20
N MET C 66 -10.03 -3.67 -15.68
CA MET C 66 -10.59 -2.43 -15.06
C MET C 66 -11.93 -2.73 -14.39
N GLU C 67 -12.59 -3.81 -14.80
CA GLU C 67 -13.86 -4.15 -14.15
C GLU C 67 -14.19 -5.64 -14.25
N VAL C 68 -14.62 -6.23 -13.15
CA VAL C 68 -15.10 -7.59 -13.17
C VAL C 68 -16.61 -7.49 -12.85
N SER C 69 -17.45 -8.17 -13.61
CA SER C 69 -18.88 -8.18 -13.29
C SER C 69 -19.47 -9.57 -13.56
N GLY C 70 -20.65 -9.79 -13.06
CA GLY C 70 -21.21 -11.14 -13.12
C GLY C 70 -22.60 -11.17 -12.59
N TYR C 71 -23.20 -12.38 -12.63
CA TYR C 71 -24.54 -12.60 -12.05
C TYR C 71 -24.44 -13.80 -11.16
N THR C 72 -25.19 -13.72 -10.06
CA THR C 72 -25.33 -14.78 -9.07
C THR C 72 -26.72 -15.35 -9.13
N GLY C 73 -26.88 -16.68 -9.15
CA GLY C 73 -28.22 -17.21 -9.20
C GLY C 73 -28.25 -18.63 -8.68
N ASN C 74 -29.47 -19.14 -8.57
CA ASN C 74 -29.66 -20.52 -8.12
C ASN C 74 -29.63 -21.52 -9.29
N VAL C 75 -28.76 -22.53 -9.19
CA VAL C 75 -28.67 -23.61 -10.14
C VAL C 75 -28.83 -24.95 -9.38
N SER C 76 -29.94 -25.62 -9.60
N SER C 76 -29.92 -25.65 -9.65
CA SER C 76 -30.15 -26.94 -9.03
CA SER C 76 -30.22 -26.97 -9.05
C SER C 76 -30.01 -26.88 -7.49
C SER C 76 -30.16 -26.94 -7.51
N GLY C 77 -30.46 -25.77 -6.91
CA GLY C 77 -30.45 -25.61 -5.45
C GLY C 77 -29.19 -25.00 -4.87
N TYR C 78 -28.20 -24.72 -5.73
CA TYR C 78 -26.95 -24.06 -5.33
C TYR C 78 -26.91 -22.63 -5.78
N VAL C 79 -26.65 -21.69 -4.86
CA VAL C 79 -26.49 -20.28 -5.25
C VAL C 79 -25.06 -19.99 -5.64
N VAL C 80 -24.84 -19.63 -6.91
CA VAL C 80 -23.43 -19.67 -7.44
C VAL C 80 -23.28 -18.53 -8.46
N VAL C 81 -22.04 -18.33 -8.90
CA VAL C 81 -21.75 -17.31 -9.89
C VAL C 81 -22.09 -17.96 -11.22
N ARG C 82 -23.11 -17.40 -11.89
CA ARG C 82 -23.67 -17.93 -13.11
C ARG C 82 -22.96 -17.38 -14.32
N SER C 83 -22.35 -16.21 -14.19
N SER C 83 -22.37 -16.21 -14.16
CA SER C 83 -21.77 -15.52 -15.34
CA SER C 83 -21.64 -15.60 -15.25
C SER C 83 -20.71 -14.50 -14.91
C SER C 83 -20.52 -14.72 -14.71
N LEU C 84 -19.57 -14.50 -15.60
CA LEU C 84 -18.47 -13.56 -15.41
C LEU C 84 -18.15 -12.82 -16.70
N THR C 85 -17.74 -11.57 -16.53
CA THR C 85 -17.33 -10.69 -17.62
C THR C 85 -16.11 -9.95 -17.11
N PHE C 86 -15.08 -9.89 -17.94
CA PHE C 86 -13.84 -9.20 -17.54
C PHE C 86 -13.59 -8.08 -18.57
N LYS C 87 -13.65 -6.82 -18.10
CA LYS C 87 -13.43 -5.67 -18.97
C LYS C 87 -12.02 -5.14 -18.71
N THR C 88 -11.21 -5.01 -19.77
CA THR C 88 -9.84 -4.48 -19.58
C THR C 88 -9.80 -3.10 -20.24
N ASN C 89 -8.63 -2.44 -20.24
CA ASN C 89 -8.46 -1.14 -20.91
C ASN C 89 -8.47 -1.36 -22.43
N LYS C 90 -8.36 -2.61 -22.85
CA LYS C 90 -8.41 -2.92 -24.30
C LYS C 90 -9.73 -3.47 -24.80
N LYS C 91 -10.35 -4.38 -24.06
CA LYS C 91 -11.58 -4.99 -24.57
C LYS C 91 -12.40 -5.67 -23.49
N THR C 92 -13.59 -6.19 -23.82
CA THR C 92 -14.40 -6.95 -22.86
C THR C 92 -14.34 -8.43 -23.27
N TYR C 93 -14.20 -9.30 -22.30
CA TYR C 93 -14.10 -10.77 -22.44
C TYR C 93 -15.36 -11.25 -21.72
N GLY C 94 -16.27 -11.85 -22.46
CA GLY C 94 -17.51 -12.32 -21.85
C GLY C 94 -18.69 -11.47 -22.30
N PRO C 95 -19.90 -11.72 -21.76
CA PRO C 95 -20.09 -12.59 -20.60
C PRO C 95 -19.93 -14.07 -20.96
N TYR C 96 -19.34 -14.80 -20.04
CA TYR C 96 -19.37 -16.24 -20.12
C TYR C 96 -20.40 -16.79 -19.12
N GLY C 97 -21.30 -17.66 -19.57
CA GLY C 97 -22.16 -18.33 -18.64
C GLY C 97 -23.57 -17.91 -18.87
N VAL C 98 -24.33 -17.72 -17.80
CA VAL C 98 -25.74 -17.36 -17.90
C VAL C 98 -25.98 -16.02 -17.20
N THR C 99 -26.38 -15.00 -17.93
CA THR C 99 -26.56 -13.67 -17.36
C THR C 99 -27.95 -13.49 -16.72
N SER C 100 -28.20 -14.19 -15.61
CA SER C 100 -29.53 -14.20 -15.04
C SER C 100 -29.38 -14.30 -13.53
N GLY C 101 -30.11 -13.47 -12.79
CA GLY C 101 -30.06 -13.52 -11.35
C GLY C 101 -29.71 -12.15 -10.79
N THR C 102 -28.86 -12.11 -9.78
CA THR C 102 -28.49 -10.81 -9.11
C THR C 102 -27.17 -10.35 -9.64
N PRO C 103 -27.10 -9.11 -10.19
CA PRO C 103 -25.83 -8.70 -10.75
C PRO C 103 -24.84 -8.27 -9.65
N PHE C 104 -23.54 -8.31 -9.98
CA PHE C 104 -22.56 -7.63 -9.13
C PHE C 104 -21.47 -7.07 -10.05
N ASN C 105 -20.70 -6.11 -9.50
CA ASN C 105 -19.57 -5.61 -10.27
C ASN C 105 -18.52 -4.98 -9.38
N LEU C 106 -17.26 -5.11 -9.80
N LEU C 106 -17.27 -5.11 -9.80
CA LEU C 106 -16.17 -4.35 -9.18
CA LEU C 106 -16.18 -4.38 -9.16
C LEU C 106 -15.46 -3.58 -10.28
C LEU C 106 -15.39 -3.57 -10.19
N PRO C 107 -15.75 -2.29 -10.38
CA PRO C 107 -15.07 -1.33 -11.26
C PRO C 107 -13.85 -0.79 -10.45
N ILE C 108 -12.72 -0.66 -11.10
CA ILE C 108 -11.52 -0.09 -10.50
C ILE C 108 -11.11 1.19 -11.18
N GLU C 109 -10.97 2.27 -10.40
CA GLU C 109 -10.46 3.51 -10.94
C GLU C 109 -8.92 3.60 -10.85
N ASN C 110 -8.37 3.02 -9.79
CA ASN C 110 -6.92 3.06 -9.61
C ASN C 110 -6.52 1.83 -8.86
N GLY C 111 -5.54 1.10 -9.37
CA GLY C 111 -5.13 -0.17 -8.77
C GLY C 111 -5.31 -1.36 -9.70
N LEU C 112 -4.81 -2.49 -9.23
CA LEU C 112 -4.76 -3.75 -10.01
C LEU C 112 -5.27 -4.92 -9.20
N ILE C 113 -5.98 -5.83 -9.89
CA ILE C 113 -6.33 -7.13 -9.28
C ILE C 113 -5.03 -7.96 -9.31
N VAL C 114 -4.63 -8.49 -8.17
CA VAL C 114 -3.34 -9.20 -8.10
C VAL C 114 -3.47 -10.62 -7.55
N GLY C 115 -4.72 -11.06 -7.38
CA GLY C 115 -4.94 -12.35 -6.73
C GLY C 115 -6.40 -12.69 -6.60
N PHE C 116 -6.72 -14.00 -6.58
CA PHE C 116 -8.10 -14.42 -6.37
C PHE C 116 -8.15 -15.50 -5.25
N LYS C 117 -9.28 -15.48 -4.56
CA LYS C 117 -9.64 -16.55 -3.62
C LYS C 117 -11.14 -16.79 -3.76
N GLY C 118 -11.62 -17.91 -3.22
CA GLY C 118 -13.05 -18.21 -3.36
C GLY C 118 -13.34 -19.64 -3.01
N SER C 119 -14.39 -20.19 -3.60
CA SER C 119 -14.82 -21.54 -3.28
C SER C 119 -15.42 -22.08 -4.55
N ILE C 120 -15.12 -23.35 -4.88
CA ILE C 120 -15.76 -24.00 -6.03
C ILE C 120 -16.22 -25.39 -5.62
N GLY C 121 -17.51 -25.65 -5.85
CA GLY C 121 -18.10 -26.98 -5.67
C GLY C 121 -18.46 -27.56 -7.01
N TYR C 122 -19.75 -27.84 -7.23
CA TYR C 122 -20.24 -28.10 -8.57
C TYR C 122 -19.94 -26.85 -9.45
N TRP C 123 -20.12 -25.66 -8.84
CA TRP C 123 -19.86 -24.38 -9.57
C TRP C 123 -19.08 -23.40 -8.68
N LEU C 124 -18.65 -22.27 -9.24
CA LEU C 124 -17.95 -21.24 -8.47
C LEU C 124 -18.97 -20.62 -7.47
N ASP C 125 -18.82 -20.92 -6.19
CA ASP C 125 -19.78 -20.46 -5.17
C ASP C 125 -19.66 -18.92 -4.94
N TYR C 126 -18.41 -18.44 -4.91
CA TYR C 126 -18.09 -17.04 -4.54
C TYR C 126 -16.61 -16.82 -4.71
N PHE C 127 -16.22 -15.56 -4.83
CA PHE C 127 -14.83 -15.23 -4.93
C PHE C 127 -14.58 -13.82 -4.43
N SER C 128 -13.30 -13.55 -4.15
CA SER C 128 -12.83 -12.25 -3.69
C SER C 128 -11.55 -11.96 -4.46
N MET C 129 -11.14 -10.70 -4.45
CA MET C 129 -9.93 -10.32 -5.26
C MET C 129 -8.99 -9.49 -4.40
N TYR C 130 -7.71 -9.79 -4.47
CA TYR C 130 -6.68 -8.96 -3.87
C TYR C 130 -6.39 -7.78 -4.78
N LEU C 131 -6.25 -6.57 -4.18
CA LEU C 131 -6.02 -5.35 -4.97
C LEU C 131 -4.73 -4.74 -4.49
N SER C 132 -3.95 -4.19 -5.44
CA SER C 132 -2.72 -3.50 -5.09
C SER C 132 -2.44 -2.33 -6.04
N LEU C 133 -1.63 -1.38 -5.63
CA LEU C 133 -1.10 -0.36 -6.54
C LEU C 133 0.07 -1.03 -7.29
N GLN D 2 2.12 -7.04 13.49
CA GLN D 2 2.24 -8.24 14.37
C GLN D 2 2.94 -9.47 13.74
N SER D 3 2.88 -9.65 12.41
CA SER D 3 3.53 -10.85 11.83
C SER D 3 4.38 -10.53 10.62
N GLY D 4 5.16 -11.53 10.21
CA GLY D 4 6.10 -11.37 9.15
C GLY D 4 5.51 -11.61 7.80
N ILE D 5 4.16 -11.70 7.72
CA ILE D 5 3.51 -11.92 6.40
C ILE D 5 2.93 -10.61 5.91
N SER D 6 3.26 -10.25 4.70
CA SER D 6 2.85 -8.95 4.18
C SER D 6 1.33 -8.98 3.88
N GLN D 7 0.70 -7.84 3.83
CA GLN D 7 -0.74 -7.92 3.58
C GLN D 7 -1.15 -7.08 2.42
N THR D 8 -2.41 -7.23 2.04
CA THR D 8 -2.87 -6.66 0.83
C THR D 8 -4.36 -6.33 1.04
N VAL D 9 -4.85 -5.35 0.30
CA VAL D 9 -6.31 -5.09 0.29
C VAL D 9 -7.02 -6.28 -0.38
N ILE D 10 -8.14 -6.71 0.18
CA ILE D 10 -8.95 -7.79 -0.40
C ILE D 10 -10.38 -7.32 -0.39
N VAL D 11 -11.00 -7.35 -1.58
CA VAL D 11 -12.43 -6.95 -1.66
C VAL D 11 -13.21 -8.19 -2.05
N GLY D 12 -14.46 -8.23 -1.60
CA GLY D 12 -15.33 -9.39 -1.80
C GLY D 12 -15.75 -9.94 -0.46
N PRO D 13 -16.46 -11.06 -0.49
CA PRO D 13 -16.75 -11.89 -1.68
C PRO D 13 -17.99 -11.48 -2.48
N TRP D 14 -18.04 -11.91 -3.74
CA TRP D 14 -19.28 -11.80 -4.51
C TRP D 14 -19.66 -13.19 -4.88
N GLY D 15 -20.95 -13.40 -5.09
CA GLY D 15 -21.46 -14.75 -5.32
C GLY D 15 -22.47 -15.03 -4.23
N ALA D 16 -22.49 -16.25 -3.75
CA ALA D 16 -23.15 -16.61 -2.51
C ALA D 16 -23.32 -18.11 -2.52
N GLY E 1 13.42 15.03 25.52
CA GLY E 1 12.91 15.91 24.46
C GLY E 1 11.39 15.86 24.43
N LYS E 2 10.77 16.57 23.46
CA LYS E 2 9.33 16.50 23.26
C LYS E 2 9.12 15.69 21.98
N ALA E 3 8.41 14.58 22.12
CA ALA E 3 8.06 13.74 20.99
C ALA E 3 7.11 14.48 20.10
N PHE E 4 7.21 14.26 18.78
CA PHE E 4 6.19 14.75 17.86
C PHE E 4 5.87 13.65 16.87
N ASP E 5 4.69 13.73 16.28
CA ASP E 5 4.31 12.72 15.25
C ASP E 5 3.29 13.39 14.32
N ASP E 6 3.72 13.72 13.12
CA ASP E 6 2.84 14.43 12.16
C ASP E 6 1.84 13.48 11.53
N GLY E 7 2.16 12.21 11.53
CA GLY E 7 1.40 11.23 10.75
C GLY E 7 1.64 11.36 9.24
N ALA E 8 0.72 10.81 8.42
CA ALA E 8 0.97 10.63 6.98
C ALA E 8 0.08 11.51 6.16
N PHE E 9 0.65 12.04 5.07
CA PHE E 9 -0.03 12.96 4.17
C PHE E 9 0.12 12.45 2.73
N THR E 10 -0.11 13.29 1.75
CA THR E 10 0.02 12.80 0.40
C THR E 10 1.30 13.27 -0.28
N GLY E 11 2.17 13.96 0.45
CA GLY E 11 3.41 14.45 -0.18
C GLY E 11 4.02 15.57 0.65
N ILE E 12 5.08 16.16 0.11
CA ILE E 12 5.77 17.25 0.84
C ILE E 12 5.91 18.41 -0.10
N ARG E 13 5.49 19.59 0.34
CA ARG E 13 5.65 20.80 -0.41
C ARG E 13 6.83 21.64 0.05
N GLU E 14 7.06 21.73 1.35
CA GLU E 14 8.13 22.63 1.86
C GLU E 14 8.65 22.07 3.21
N ILE E 15 9.93 22.26 3.46
CA ILE E 15 10.47 21.90 4.76
C ILE E 15 11.12 23.13 5.36
N ASN E 16 10.76 23.46 6.58
CA ASN E 16 11.35 24.58 7.31
C ASN E 16 12.15 23.95 8.45
N LEU E 17 13.45 24.28 8.57
CA LEU E 17 14.21 23.71 9.67
C LEU E 17 15.12 24.82 10.10
N SER E 18 15.79 24.61 11.22
CA SER E 18 16.78 25.57 11.63
C SER E 18 17.99 24.80 12.13
N TYR E 19 19.14 25.46 12.12
CA TYR E 19 20.36 24.77 12.53
C TYR E 19 21.34 25.78 13.08
N ASN E 20 22.40 25.27 13.68
CA ASN E 20 23.54 26.09 14.07
C ASN E 20 24.77 25.30 13.65
N LYS E 21 25.69 25.99 12.98
CA LYS E 21 26.86 25.33 12.39
C LYS E 21 27.91 24.90 13.43
N GLU E 22 27.62 25.10 14.72
CA GLU E 22 28.51 24.58 15.75
C GLU E 22 27.87 23.50 16.60
N THR E 23 26.53 23.35 16.55
CA THR E 23 25.87 22.36 17.41
C THR E 23 25.12 21.35 16.51
N ALA E 24 23.85 21.62 16.18
CA ALA E 24 23.00 20.61 15.54
C ALA E 24 21.72 21.24 14.97
N ILE E 25 20.85 20.42 14.38
CA ILE E 25 19.53 20.85 13.91
C ILE E 25 18.68 21.21 15.13
N GLY E 26 17.95 22.31 15.01
CA GLY E 26 17.07 22.80 16.07
C GLY E 26 15.62 22.52 15.79
N ASP E 27 14.97 23.34 14.96
CA ASP E 27 13.53 23.26 14.76
C ASP E 27 13.20 22.53 13.47
N PHE E 28 11.97 22.02 13.38
CA PHE E 28 11.55 21.26 12.16
C PHE E 28 10.06 21.47 11.92
N GLN E 29 9.71 21.92 10.72
CA GLN E 29 8.28 22.14 10.37
C GLN E 29 8.06 21.78 8.87
N VAL E 30 7.03 20.97 8.59
CA VAL E 30 6.80 20.55 7.19
C VAL E 30 5.47 21.10 6.66
N VAL E 31 5.49 21.62 5.43
CA VAL E 31 4.23 21.91 4.78
C VAL E 31 4.03 20.69 3.89
N TYR E 32 3.03 19.92 4.28
CA TYR E 32 2.63 18.73 3.48
C TYR E 32 1.64 19.09 2.34
N ASP E 33 1.58 18.15 1.42
CA ASP E 33 0.41 18.14 0.53
C ASP E 33 -0.68 17.26 1.15
N LEU E 34 -1.95 17.68 1.04
CA LEU E 34 -3.03 16.80 1.47
C LEU E 34 -4.04 16.83 0.30
N ASN E 35 -3.97 15.78 -0.53
CA ASN E 35 -4.90 15.63 -1.66
C ASN E 35 -4.90 16.84 -2.59
N GLY E 36 -3.72 17.44 -2.77
CA GLY E 36 -3.62 18.60 -3.69
C GLY E 36 -3.67 19.99 -3.03
N SER E 37 -3.95 20.05 -1.72
CA SER E 37 -3.97 21.35 -1.01
C SER E 37 -2.84 21.35 -0.01
N PRO E 38 -2.22 22.51 0.22
CA PRO E 38 -1.19 22.51 1.30
C PRO E 38 -1.76 22.33 2.68
N TYR E 39 -1.02 21.63 3.54
CA TYR E 39 -1.39 21.44 4.94
C TYR E 39 -0.14 21.86 5.74
N VAL E 40 -0.26 22.92 6.53
CA VAL E 40 0.93 23.48 7.21
C VAL E 40 1.04 22.68 8.51
N GLY E 41 2.07 21.84 8.57
CA GLY E 41 2.21 20.94 9.67
C GLY E 41 2.54 21.70 10.95
N GLN E 42 2.31 21.04 12.10
CA GLN E 42 2.86 21.59 13.36
C GLN E 42 4.33 22.02 13.30
N ASN E 43 4.62 23.14 13.95
CA ASN E 43 5.99 23.65 13.99
C ASN E 43 6.75 23.11 15.25
N HIS E 44 7.69 22.20 15.02
CA HIS E 44 8.38 21.45 16.12
C HIS E 44 9.60 22.21 16.55
N LYS E 45 9.51 22.89 17.68
CA LYS E 45 10.63 23.86 18.08
C LYS E 45 11.50 23.30 19.14
N SER E 46 12.80 23.58 19.04
CA SER E 46 13.71 23.41 20.11
C SER E 46 13.23 24.16 21.37
N PHE E 47 13.71 23.68 22.51
CA PHE E 47 13.46 24.31 23.84
C PHE E 47 14.29 25.59 23.89
N ILE E 48 15.29 25.71 23.02
CA ILE E 48 16.10 26.97 23.01
C ILE E 48 15.98 27.61 21.66
N THR E 49 16.44 28.87 21.50
N THR E 49 16.42 28.87 21.52
CA THR E 49 16.39 29.56 20.25
CA THR E 49 16.39 29.56 20.25
C THR E 49 17.73 30.22 19.92
C THR E 49 17.74 30.21 19.92
N GLY E 50 17.80 30.82 18.73
CA GLY E 50 19.06 31.32 18.18
C GLY E 50 19.58 30.61 16.93
N PHE E 51 18.86 29.57 16.48
CA PHE E 51 19.17 28.86 15.25
C PHE E 51 18.94 29.69 13.99
N THR E 52 19.62 29.28 12.92
CA THR E 52 19.48 29.91 11.64
C THR E 52 18.36 29.19 10.90
N PRO E 53 17.26 29.92 10.52
CA PRO E 53 16.21 29.24 9.79
C PRO E 53 16.48 29.10 8.28
N VAL E 54 15.93 28.02 7.71
CA VAL E 54 16.09 27.62 6.27
C VAL E 54 14.68 27.24 5.83
N LYS E 55 14.27 27.67 4.66
CA LYS E 55 13.05 27.17 4.03
C LYS E 55 13.43 26.47 2.71
N ILE E 56 13.05 25.21 2.58
CA ILE E 56 13.26 24.43 1.37
C ILE E 56 11.88 24.33 0.70
N SER E 57 11.68 25.07 -0.40
CA SER E 57 10.36 25.02 -1.05
C SER E 57 10.50 24.21 -2.28
N LEU E 58 9.87 23.06 -2.28
CA LEU E 58 9.97 22.15 -3.42
C LEU E 58 8.99 22.53 -4.54
N ASP E 59 9.40 22.30 -5.79
CA ASP E 59 8.49 22.44 -6.93
C ASP E 59 7.53 21.24 -6.96
N PHE E 60 6.56 21.23 -6.02
CA PHE E 60 5.60 20.10 -5.92
C PHE E 60 4.57 20.27 -7.06
N PRO E 61 4.15 19.14 -7.70
CA PRO E 61 4.45 17.73 -7.47
C PRO E 61 5.65 17.14 -8.23
N SER E 62 6.26 17.90 -9.14
CA SER E 62 7.32 17.28 -9.94
C SER E 62 8.62 17.02 -9.17
N GLU E 63 8.92 17.84 -8.14
CA GLU E 63 10.14 17.63 -7.41
C GLU E 63 9.81 16.94 -6.11
N TYR E 64 10.56 15.88 -5.76
CA TYR E 64 10.34 15.13 -4.53
C TYR E 64 11.68 14.60 -4.00
N ILE E 65 11.76 14.43 -2.69
CA ILE E 65 12.96 13.93 -2.03
C ILE E 65 13.23 12.48 -2.43
N MET E 66 14.47 12.20 -2.87
CA MET E 66 14.98 10.86 -3.13
C MET E 66 15.95 10.36 -2.09
N GLU E 67 16.52 11.30 -1.32
CA GLU E 67 17.40 10.88 -0.27
C GLU E 67 17.44 11.87 0.89
N VAL E 68 17.32 11.32 2.13
CA VAL E 68 17.57 12.06 3.36
C VAL E 68 18.84 11.53 3.95
N SER E 69 19.78 12.42 4.26
CA SER E 69 21.01 11.93 4.92
C SER E 69 21.45 12.90 5.99
N GLY E 70 22.40 12.48 6.79
CA GLY E 70 22.81 13.37 7.88
C GLY E 70 23.88 12.76 8.75
N TYR E 71 24.17 13.45 9.86
CA TYR E 71 25.09 12.92 10.80
C TYR E 71 24.44 12.95 12.19
N THR E 72 24.74 11.95 13.02
CA THR E 72 24.33 12.02 14.41
C THR E 72 25.58 12.09 15.26
N GLY E 73 25.52 12.75 16.42
CA GLY E 73 26.76 12.87 17.21
C GLY E 73 26.40 13.48 18.56
N ASN E 74 27.42 13.63 19.38
CA ASN E 74 27.27 14.02 20.78
C ASN E 74 27.34 15.53 20.80
N VAL E 75 26.33 16.20 21.36
CA VAL E 75 26.42 17.63 21.70
C VAL E 75 26.05 17.77 23.19
N SER E 76 27.01 18.22 24.02
CA SER E 76 26.78 18.38 25.49
C SER E 76 26.26 17.10 26.15
N GLY E 77 26.85 15.96 25.77
CA GLY E 77 26.50 14.67 26.34
C GLY E 77 25.24 13.97 25.85
N TYR E 78 24.60 14.51 24.80
CA TYR E 78 23.43 13.90 24.17
C TYR E 78 23.70 13.56 22.70
N VAL E 79 23.23 12.41 22.25
CA VAL E 79 23.31 12.07 20.85
C VAL E 79 22.15 12.79 20.19
N VAL E 80 22.47 13.56 19.15
CA VAL E 80 21.44 14.33 18.45
C VAL E 80 21.73 14.25 16.94
N VAL E 81 20.82 14.78 16.14
CA VAL E 81 20.98 14.89 14.69
C VAL E 81 21.68 16.19 14.45
N ARG E 82 22.94 16.10 14.10
CA ARG E 82 23.80 17.24 13.97
C ARG E 82 23.70 17.89 12.59
N SER E 83 23.25 17.14 11.58
N SER E 83 23.29 17.13 11.55
CA SER E 83 23.16 17.70 10.23
CA SER E 83 23.20 17.74 10.22
C SER E 83 22.11 16.97 9.41
C SER E 83 22.13 16.99 9.42
N LEU E 84 21.53 17.67 8.44
CA LEU E 84 20.59 17.05 7.50
C LEU E 84 20.91 17.56 6.14
N THR E 85 20.69 16.69 5.16
CA THR E 85 20.79 17.02 3.74
C THR E 85 19.58 16.38 3.05
N PHE E 86 18.87 17.17 2.23
CA PHE E 86 17.78 16.62 1.42
C PHE E 86 18.12 16.62 -0.02
N LYS E 87 18.12 15.45 -0.66
CA LYS E 87 18.36 15.40 -2.10
C LYS E 87 17.06 15.09 -2.81
N THR E 88 16.66 15.98 -3.73
CA THR E 88 15.57 15.66 -4.59
C THR E 88 16.00 15.10 -5.98
N ASN E 89 14.98 14.79 -6.80
CA ASN E 89 15.24 14.47 -8.19
C ASN E 89 15.81 15.65 -8.97
N LYS E 90 15.80 16.87 -8.40
CA LYS E 90 16.26 18.06 -9.16
C LYS E 90 17.44 18.79 -8.52
N LYS E 91 17.51 18.83 -7.19
CA LYS E 91 18.52 19.70 -6.47
C LYS E 91 18.92 19.02 -5.14
N THR E 92 20.05 19.41 -4.55
CA THR E 92 20.37 19.05 -3.18
C THR E 92 20.24 20.30 -2.35
N TYR E 93 19.69 20.10 -1.16
CA TYR E 93 19.58 21.12 -0.09
C TYR E 93 20.34 20.71 1.16
N GLY E 94 21.37 21.49 1.49
CA GLY E 94 22.23 21.14 2.62
C GLY E 94 23.65 20.79 2.15
N PRO E 95 24.48 20.38 3.10
CA PRO E 95 24.15 20.06 4.48
C PRO E 95 23.84 21.28 5.35
N TYR E 96 22.91 21.10 6.30
CA TYR E 96 22.60 22.12 7.32
C TYR E 96 23.07 21.56 8.61
N GLY E 97 23.93 22.31 9.34
CA GLY E 97 24.41 21.80 10.64
C GLY E 97 25.88 21.43 10.58
N VAL E 98 26.30 20.45 11.40
CA VAL E 98 27.69 20.00 11.50
C VAL E 98 27.78 18.56 10.99
N THR E 99 28.66 18.35 10.01
CA THR E 99 28.74 17.05 9.33
C THR E 99 29.85 16.25 9.97
N SER E 100 29.66 15.87 11.22
CA SER E 100 30.64 15.03 11.88
C SER E 100 29.90 14.12 12.83
N GLY E 101 30.42 12.91 12.98
CA GLY E 101 29.77 11.93 13.81
C GLY E 101 29.48 10.70 12.99
N THR E 102 28.32 10.12 13.21
CA THR E 102 27.92 8.87 12.54
C THR E 102 27.01 9.22 11.39
N PRO E 103 27.44 8.88 10.15
CA PRO E 103 26.50 9.17 9.03
C PRO E 103 25.33 8.23 9.03
N PHE E 104 24.19 8.71 8.47
CA PHE E 104 23.05 7.85 8.14
C PHE E 104 22.44 8.35 6.83
N ASN E 105 21.73 7.47 6.15
CA ASN E 105 21.05 7.95 4.95
C ASN E 105 19.89 7.02 4.60
N LEU E 106 18.81 7.64 4.15
CA LEU E 106 17.65 6.92 3.57
C LEU E 106 17.49 7.32 2.09
N PRO E 107 18.08 6.58 1.15
CA PRO E 107 17.82 6.75 -0.27
C PRO E 107 16.57 5.97 -0.64
N ILE E 108 15.84 6.53 -1.60
CA ILE E 108 14.56 5.90 -2.05
C ILE E 108 14.64 5.69 -3.55
N GLU E 109 14.41 4.46 -4.01
CA GLU E 109 14.29 4.14 -5.42
C GLU E 109 12.84 4.25 -5.89
N ASN E 110 11.88 3.84 -5.05
CA ASN E 110 10.50 3.97 -5.43
C ASN E 110 9.69 4.29 -4.21
N GLY E 111 8.81 5.30 -4.31
CA GLY E 111 8.07 5.71 -3.16
C GLY E 111 8.37 7.09 -2.71
N LEU E 112 7.62 7.51 -1.69
CA LEU E 112 7.64 8.88 -1.18
C LEU E 112 7.64 8.96 0.36
N ILE E 113 8.40 9.95 0.86
CA ILE E 113 8.26 10.41 2.25
C ILE E 113 6.97 11.23 2.38
N VAL E 114 6.07 10.80 3.27
CA VAL E 114 4.78 11.44 3.37
C VAL E 114 4.55 11.89 4.81
N GLY E 115 5.54 11.70 5.69
CA GLY E 115 5.32 12.22 7.07
C GLY E 115 6.60 12.07 7.86
N PHE E 116 6.68 12.86 8.94
CA PHE E 116 7.78 12.75 9.93
C PHE E 116 7.29 12.59 11.36
N LYS E 117 8.09 11.92 12.18
N LYS E 117 8.13 11.92 12.18
CA LYS E 117 7.88 11.78 13.63
CA LYS E 117 7.90 11.89 13.62
C LYS E 117 9.24 11.65 14.34
C LYS E 117 9.28 11.93 14.26
N GLY E 118 9.35 12.15 15.57
CA GLY E 118 10.65 12.21 16.20
C GLY E 118 10.60 12.87 17.54
N SER E 119 11.70 13.47 17.92
CA SER E 119 11.74 14.13 19.27
C SER E 119 12.76 15.24 19.22
N ILE E 120 12.43 16.36 19.87
CA ILE E 120 13.38 17.53 19.88
C ILE E 120 13.49 17.99 21.33
N GLY E 121 14.72 18.10 21.79
CA GLY E 121 14.98 18.74 23.11
C GLY E 121 15.63 20.13 22.82
N TYR E 122 16.85 20.36 23.27
CA TYR E 122 17.66 21.51 22.79
C TYR E 122 17.90 21.31 21.29
N TRP E 123 18.05 20.06 20.84
CA TRP E 123 18.22 19.76 19.41
C TRP E 123 17.34 18.64 18.96
N LEU E 124 17.30 18.37 17.67
CA LEU E 124 16.58 17.24 17.14
C LEU E 124 17.23 15.95 17.61
N ASP E 125 16.51 15.15 18.42
CA ASP E 125 17.15 14.00 19.10
C ASP E 125 17.16 12.78 18.18
N TYR E 126 16.00 12.55 17.54
CA TYR E 126 15.89 11.47 16.58
C TYR E 126 14.72 11.69 15.71
N PHE E 127 14.67 10.97 14.58
CA PHE E 127 13.44 11.14 13.76
C PHE E 127 13.16 9.90 12.90
N SER E 128 11.92 9.72 12.48
CA SER E 128 11.57 8.61 11.58
C SER E 128 10.69 9.16 10.47
N MET E 129 10.51 8.37 9.40
CA MET E 129 9.71 8.84 8.26
C MET E 129 8.69 7.82 7.82
N TYR E 130 7.53 8.37 7.44
CA TYR E 130 6.44 7.56 6.88
C TYR E 130 6.71 7.51 5.37
N LEU E 131 6.62 6.31 4.84
CA LEU E 131 6.80 6.13 3.36
C LEU E 131 5.53 5.53 2.76
N SER E 132 5.24 5.96 1.55
CA SER E 132 4.10 5.43 0.77
C SER E 132 4.36 5.44 -0.70
N LEU E 133 3.59 4.68 -1.45
CA LEU E 133 3.50 4.82 -2.89
C LEU E 133 2.55 5.95 -3.30
N SER F 3 -8.60 -2.70 13.42
CA SER F 3 -8.69 -1.21 13.64
C SER F 3 -9.05 -0.36 12.40
N GLY F 4 -9.86 0.66 12.67
CA GLY F 4 -10.26 1.63 11.65
C GLY F 4 -9.28 2.70 11.25
N ILE F 5 -8.03 2.63 11.73
CA ILE F 5 -6.98 3.57 11.42
C ILE F 5 -6.07 2.97 10.33
N SER F 6 -5.92 3.68 9.22
CA SER F 6 -5.06 3.31 8.09
C SER F 6 -3.60 3.21 8.58
N GLN F 7 -2.83 2.33 7.97
CA GLN F 7 -1.43 2.34 8.33
C GLN F 7 -0.48 2.62 7.18
N THR F 8 0.78 2.92 7.50
CA THR F 8 1.79 3.26 6.44
C THR F 8 3.08 2.64 6.95
N VAL F 9 3.97 2.40 6.01
CA VAL F 9 5.32 2.01 6.33
C VAL F 9 6.01 3.17 7.10
N ILE F 10 6.76 2.84 8.13
CA ILE F 10 7.56 3.84 8.82
C ILE F 10 8.96 3.27 8.99
N VAL F 11 9.96 4.06 8.57
CA VAL F 11 11.36 3.71 8.70
C VAL F 11 12.02 4.72 9.65
N GLY F 12 13.03 4.23 10.36
CA GLY F 12 13.72 4.99 11.46
C GLY F 12 13.44 4.28 12.80
N PRO F 13 13.92 4.88 13.92
CA PRO F 13 14.44 6.24 13.91
C PRO F 13 15.96 6.31 13.63
N TRP F 14 16.43 7.51 13.26
CA TRP F 14 17.85 7.77 13.30
C TRP F 14 18.10 8.88 14.32
N GLY F 15 19.19 8.76 15.04
CA GLY F 15 19.62 9.69 16.10
C GLY F 15 19.80 8.96 17.38
N ALA F 16 19.38 9.58 18.48
CA ALA F 16 19.51 8.97 19.81
C ALA F 16 18.62 7.73 19.97
N LYS F 17 19.04 6.80 20.84
CA LYS F 17 18.15 5.77 21.42
C LYS F 17 17.76 4.64 20.43
N GLY G 1 30.16 -5.28 -11.11
CA GLY G 1 29.47 -6.47 -10.54
C GLY G 1 28.30 -6.87 -11.45
N LYS G 2 27.71 -8.04 -11.18
CA LYS G 2 26.50 -8.45 -11.92
C LYS G 2 25.24 -8.03 -11.16
N ALA G 3 24.38 -7.24 -11.83
CA ALA G 3 23.09 -6.81 -11.24
C ALA G 3 22.14 -7.98 -11.00
N PHE G 4 21.43 -7.93 -9.88
CA PHE G 4 20.37 -8.93 -9.63
C PHE G 4 19.14 -8.17 -9.07
N ASP G 5 17.98 -8.75 -9.26
CA ASP G 5 16.83 -8.11 -8.63
C ASP G 5 15.86 -9.27 -8.41
N ASP G 6 15.62 -9.63 -7.17
CA ASP G 6 14.72 -10.78 -6.93
C ASP G 6 13.24 -10.38 -7.17
N GLY G 7 12.94 -9.10 -7.00
CA GLY G 7 11.54 -8.62 -6.99
C GLY G 7 10.93 -8.72 -5.60
N ALA G 8 9.63 -8.55 -5.53
CA ALA G 8 8.87 -8.52 -4.23
C ALA G 8 8.08 -9.79 -3.95
N PHE G 9 8.03 -10.16 -2.67
CA PHE G 9 7.34 -11.40 -2.19
C PHE G 9 6.48 -11.07 -1.02
N THR G 10 6.16 -12.07 -0.22
N THR G 10 6.13 -12.07 -0.23
CA THR G 10 5.27 -11.81 0.91
CA THR G 10 5.28 -11.75 0.95
C THR G 10 6.02 -11.69 2.26
C THR G 10 5.98 -11.91 2.30
N GLY G 11 7.30 -12.04 2.27
CA GLY G 11 8.11 -12.00 3.50
C GLY G 11 9.40 -12.77 3.24
N ILE G 12 10.11 -13.02 4.34
CA ILE G 12 11.47 -13.58 4.27
C ILE G 12 11.53 -14.79 5.23
N ARG G 13 11.97 -15.92 4.69
CA ARG G 13 12.16 -17.12 5.48
C ARG G 13 13.60 -17.34 5.86
N GLU G 14 14.53 -17.16 4.91
CA GLU G 14 15.93 -17.55 5.21
C GLU G 14 16.83 -16.67 4.39
N ILE G 15 17.91 -16.17 4.97
CA ILE G 15 18.94 -15.44 4.17
C ILE G 15 20.21 -16.26 4.20
N ASN G 16 20.76 -16.55 3.01
CA ASN G 16 22.01 -17.31 2.81
C ASN G 16 23.07 -16.35 2.26
N LEU G 17 24.10 -16.07 3.02
CA LEU G 17 25.11 -15.16 2.46
C LEU G 17 26.46 -15.70 2.74
N SER G 18 27.45 -15.12 2.08
CA SER G 18 28.83 -15.45 2.56
C SER G 18 29.67 -14.21 2.76
N TYR G 19 30.79 -14.32 3.46
CA TYR G 19 31.60 -13.17 3.81
C TYR G 19 33.02 -13.58 4.17
N ASN G 20 33.93 -12.60 4.11
CA ASN G 20 35.31 -12.81 4.56
C ASN G 20 35.69 -11.54 5.29
N LYS G 21 36.08 -11.68 6.57
CA LYS G 21 36.46 -10.49 7.36
C LYS G 21 37.57 -9.65 6.71
N GLU G 22 38.41 -10.30 5.91
CA GLU G 22 39.50 -9.56 5.25
C GLU G 22 38.98 -8.67 4.17
N THR G 23 37.81 -9.01 3.59
CA THR G 23 37.30 -8.31 2.46
C THR G 23 35.86 -7.80 2.74
N ALA G 24 34.85 -8.56 2.31
CA ALA G 24 33.49 -8.02 2.27
C ALA G 24 32.50 -9.16 2.15
N ILE G 25 31.22 -8.80 2.02
CA ILE G 25 30.17 -9.80 1.70
C ILE G 25 30.40 -10.38 0.31
N GLY G 26 30.25 -11.71 0.14
CA GLY G 26 30.40 -12.43 -1.16
C GLY G 26 29.02 -12.79 -1.72
N ASP G 27 28.58 -14.02 -1.46
CA ASP G 27 27.34 -14.51 -2.10
C ASP G 27 26.14 -14.00 -1.34
N PHE G 28 25.02 -14.04 -1.99
CA PHE G 28 23.74 -13.64 -1.35
C PHE G 28 22.55 -14.38 -2.02
N GLN G 29 21.68 -14.97 -1.21
CA GLN G 29 20.57 -15.81 -1.70
C GLN G 29 19.50 -15.70 -0.63
N VAL G 30 18.24 -15.62 -1.03
CA VAL G 30 17.18 -15.47 -0.03
C VAL G 30 16.06 -16.45 -0.36
N VAL G 31 15.60 -17.18 0.66
CA VAL G 31 14.37 -17.94 0.57
C VAL G 31 13.27 -17.02 1.05
N TYR G 32 12.42 -16.59 0.07
CA TYR G 32 11.28 -15.74 0.43
C TYR G 32 10.12 -16.56 0.89
N ASP G 33 9.16 -15.88 1.49
CA ASP G 33 7.80 -16.46 1.53
C ASP G 33 7.00 -15.96 0.32
N LEU G 34 6.22 -16.84 -0.30
CA LEU G 34 5.28 -16.37 -1.36
C LEU G 34 3.90 -16.97 -0.99
N ASN G 35 3.05 -16.16 -0.36
CA ASN G 35 1.68 -16.60 -0.02
C ASN G 35 1.69 -17.84 0.88
N GLY G 36 2.72 -17.88 1.72
CA GLY G 36 2.79 -18.85 2.86
C GLY G 36 3.58 -20.10 2.50
N SER G 37 4.11 -20.12 1.26
CA SER G 37 5.05 -21.13 0.74
C SER G 37 6.46 -20.61 0.46
N PRO G 38 7.51 -21.44 0.67
CA PRO G 38 8.87 -20.97 0.40
C PRO G 38 9.12 -20.74 -1.07
N TYR G 39 9.72 -19.60 -1.38
CA TYR G 39 10.17 -19.28 -2.76
C TYR G 39 11.72 -19.24 -2.74
N VAL G 40 12.38 -20.14 -3.44
CA VAL G 40 13.83 -20.18 -3.38
C VAL G 40 14.37 -19.17 -4.39
N GLY G 41 14.92 -18.03 -3.91
CA GLY G 41 15.50 -17.07 -4.85
C GLY G 41 16.78 -17.63 -5.45
N GLN G 42 17.14 -17.06 -6.57
CA GLN G 42 18.38 -17.40 -7.25
C GLN G 42 19.54 -17.06 -6.36
N ASN G 43 20.56 -17.92 -6.41
CA ASN G 43 21.76 -17.67 -5.63
C ASN G 43 22.64 -16.70 -6.43
N HIS G 44 22.85 -15.53 -5.84
CA HIS G 44 23.68 -14.54 -6.51
C HIS G 44 25.09 -14.69 -6.01
N LYS G 45 25.94 -15.21 -6.89
CA LYS G 45 27.25 -15.69 -6.46
C LYS G 45 28.35 -14.63 -6.70
N SER G 46 29.31 -14.56 -5.77
CA SER G 46 30.56 -13.82 -6.00
C SER G 46 31.26 -14.47 -7.19
N PHE G 47 32.00 -13.67 -7.98
CA PHE G 47 32.84 -14.28 -9.02
C PHE G 47 33.98 -15.13 -8.46
N ILE G 48 34.31 -15.00 -7.16
CA ILE G 48 35.46 -15.69 -6.59
C ILE G 48 34.98 -16.57 -5.41
N THR G 49 35.88 -17.41 -4.87
CA THR G 49 35.56 -18.19 -3.67
C THR G 49 36.39 -17.76 -2.47
N GLY G 50 36.32 -18.51 -1.37
CA GLY G 50 37.09 -18.23 -0.15
C GLY G 50 36.24 -17.64 0.98
N PHE G 51 34.92 -17.58 0.77
CA PHE G 51 34.05 -16.99 1.76
C PHE G 51 33.49 -18.03 2.77
N THR G 52 33.16 -17.55 3.98
CA THR G 52 32.51 -18.33 5.00
C THR G 52 30.99 -18.23 4.80
N PRO G 53 30.29 -19.40 4.71
CA PRO G 53 28.86 -19.31 4.53
C PRO G 53 28.07 -19.02 5.85
N VAL G 54 26.94 -18.36 5.68
CA VAL G 54 26.03 -17.98 6.80
C VAL G 54 24.61 -18.34 6.37
N LYS G 55 23.83 -19.00 7.22
CA LYS G 55 22.41 -19.27 6.92
C LYS G 55 21.64 -18.71 8.09
N ILE G 56 20.73 -17.79 7.79
CA ILE G 56 19.89 -17.16 8.81
C ILE G 56 18.49 -17.68 8.56
N SER G 57 18.09 -18.64 9.37
CA SER G 57 16.77 -19.32 9.18
C SER G 57 15.78 -18.71 10.14
N LEU G 58 14.84 -17.91 9.66
CA LEU G 58 13.94 -17.23 10.55
C LEU G 58 12.78 -18.11 10.96
N ASP G 59 12.30 -17.95 12.20
CA ASP G 59 11.03 -18.56 12.60
C ASP G 59 9.82 -17.84 11.95
N PHE G 60 9.65 -18.03 10.63
CA PHE G 60 8.59 -17.38 9.89
C PHE G 60 7.23 -17.97 10.20
N PRO G 61 6.19 -17.14 10.37
CA PRO G 61 6.05 -15.70 10.23
C PRO G 61 6.16 -14.97 11.58
N SER G 62 6.45 -15.72 12.68
CA SER G 62 6.52 -15.09 14.02
C SER G 62 7.70 -14.14 14.16
N GLU G 63 8.78 -14.45 13.42
CA GLU G 63 10.03 -13.67 13.46
C GLU G 63 10.22 -12.93 12.12
N TYR G 64 10.56 -11.64 12.23
CA TYR G 64 10.78 -10.84 11.00
C TYR G 64 11.79 -9.75 11.35
N ILE G 65 12.55 -9.36 10.29
CA ILE G 65 13.58 -8.38 10.40
C ILE G 65 13.03 -7.00 10.77
N MET G 66 13.59 -6.38 11.82
CA MET G 66 13.22 -5.01 12.26
C MET G 66 14.29 -4.01 11.97
N GLU G 67 15.49 -4.47 11.66
CA GLU G 67 16.56 -3.50 11.23
C GLU G 67 17.63 -4.19 10.45
N VAL G 68 17.98 -3.61 9.29
CA VAL G 68 19.17 -4.07 8.57
C VAL G 68 20.26 -3.00 8.70
N SER G 69 21.45 -3.39 9.13
CA SER G 69 22.51 -2.39 9.10
C SER G 69 23.81 -2.99 8.53
N GLY G 70 24.81 -2.12 8.37
CA GLY G 70 26.06 -2.57 7.87
C GLY G 70 27.03 -1.46 7.66
N TYR G 71 28.13 -1.82 6.97
CA TYR G 71 29.16 -0.82 6.63
C TYR G 71 29.55 -0.97 5.19
N THR G 72 29.82 0.14 4.54
CA THR G 72 30.38 0.11 3.19
C THR G 72 31.82 0.56 3.35
N GLY G 73 32.71 0.07 2.49
CA GLY G 73 34.09 0.46 2.67
C GLY G 73 34.83 0.13 1.41
N ASN G 74 36.05 0.63 1.33
CA ASN G 74 36.89 0.31 0.21
C ASN G 74 37.61 -0.98 0.42
N VAL G 75 37.48 -1.90 -0.54
CA VAL G 75 38.27 -3.13 -0.51
C VAL G 75 39.05 -3.19 -1.81
N SER G 76 40.39 -3.11 -1.69
CA SER G 76 41.24 -3.01 -2.89
C SER G 76 40.77 -1.85 -3.82
N GLY G 77 40.39 -0.73 -3.22
CA GLY G 77 40.01 0.44 -4.02
C GLY G 77 38.58 0.45 -4.51
N TYR G 78 37.84 -0.63 -4.28
CA TYR G 78 36.43 -0.65 -4.71
C TYR G 78 35.53 -0.47 -3.53
N VAL G 79 34.47 0.34 -3.66
CA VAL G 79 33.47 0.50 -2.56
C VAL G 79 32.51 -0.63 -2.64
N VAL G 80 32.41 -1.34 -1.50
CA VAL G 80 31.54 -2.49 -1.39
C VAL G 80 30.88 -2.52 -0.02
N VAL G 81 29.96 -3.47 0.12
CA VAL G 81 29.32 -3.73 1.39
C VAL G 81 30.23 -4.69 2.17
N ARG G 82 30.87 -4.14 3.17
CA ARG G 82 31.84 -4.91 3.97
C ARG G 82 31.22 -5.76 5.08
N SER G 83 30.05 -5.33 5.60
CA SER G 83 29.47 -5.97 6.79
C SER G 83 27.92 -5.80 6.70
N LEU G 84 27.20 -6.80 7.23
CA LEU G 84 25.72 -6.81 7.36
C LEU G 84 25.31 -7.40 8.71
N THR G 85 24.25 -6.80 9.27
CA THR G 85 23.62 -7.29 10.48
C THR G 85 22.14 -7.28 10.28
N PHE G 86 21.47 -8.36 10.70
CA PHE G 86 20.03 -8.45 10.56
C PHE G 86 19.45 -8.60 11.91
N LYS G 87 18.68 -7.58 12.35
CA LYS G 87 18.09 -7.62 13.70
C LYS G 87 16.64 -8.00 13.56
N THR G 88 16.16 -9.03 14.29
CA THR G 88 14.73 -9.34 14.17
C THR G 88 14.03 -9.00 15.51
N ASN G 89 12.72 -9.22 15.56
CA ASN G 89 11.98 -9.05 16.78
C ASN G 89 12.41 -10.09 17.80
N LYS G 90 13.21 -11.09 17.42
CA LYS G 90 13.64 -12.14 18.33
C LYS G 90 15.10 -12.11 18.77
N LYS G 91 15.98 -11.76 17.85
CA LYS G 91 17.42 -11.69 18.08
C LYS G 91 18.17 -11.01 16.96
N THR G 92 19.49 -10.97 17.11
CA THR G 92 20.37 -10.25 16.19
C THR G 92 21.30 -11.23 15.53
N TYR G 93 21.38 -11.20 14.19
CA TYR G 93 22.28 -12.06 13.44
C TYR G 93 23.37 -11.18 12.85
N GLY G 94 24.62 -11.35 13.31
CA GLY G 94 25.72 -10.54 12.77
C GLY G 94 26.30 -9.72 13.92
N PRO G 95 27.27 -8.86 13.65
CA PRO G 95 27.66 -8.55 12.28
C PRO G 95 28.40 -9.65 11.57
N TYR G 96 28.14 -9.77 10.27
CA TYR G 96 28.96 -10.59 9.37
C TYR G 96 29.82 -9.63 8.54
N GLY G 97 31.13 -9.58 8.86
CA GLY G 97 32.05 -8.70 8.14
C GLY G 97 32.56 -7.58 9.04
N VAL G 98 33.74 -7.03 8.76
CA VAL G 98 34.30 -5.97 9.60
C VAL G 98 33.46 -4.72 9.67
N THR G 99 33.27 -4.16 10.87
CA THR G 99 32.43 -2.97 11.03
C THR G 99 33.31 -1.69 10.94
N SER G 100 33.87 -1.47 9.75
CA SER G 100 34.76 -0.35 9.52
C SER G 100 34.39 0.23 8.18
N GLY G 101 34.26 1.55 8.14
CA GLY G 101 33.94 2.23 6.91
C GLY G 101 32.78 3.19 7.12
N THR G 102 31.86 3.29 6.18
CA THR G 102 30.70 4.18 6.32
C THR G 102 29.53 3.32 6.78
N PRO G 103 29.01 3.60 7.99
CA PRO G 103 27.83 2.82 8.44
C PRO G 103 26.58 3.25 7.68
N PHE G 104 25.65 2.30 7.56
CA PHE G 104 24.30 2.57 7.13
C PHE G 104 23.34 1.70 7.95
N ASN G 105 22.09 2.14 8.02
CA ASN G 105 21.09 1.38 8.73
C ASN G 105 19.70 1.71 8.32
N LEU G 106 18.85 0.69 8.33
CA LEU G 106 17.45 0.87 7.91
C LEU G 106 16.70 0.18 9.05
N PRO G 107 16.34 0.93 10.11
CA PRO G 107 15.39 0.43 11.10
C PRO G 107 13.97 0.63 10.60
N ILE G 108 13.10 -0.30 10.97
CA ILE G 108 11.73 -0.26 10.51
C ILE G 108 10.84 -0.20 11.73
N GLU G 109 9.96 0.80 11.80
CA GLU G 109 8.95 0.87 12.84
C GLU G 109 7.71 0.09 12.50
N ASN G 110 7.36 0.16 11.23
CA ASN G 110 6.18 -0.52 10.74
C ASN G 110 6.38 -0.92 9.31
N GLY G 111 6.14 -2.19 8.98
CA GLY G 111 6.41 -2.69 7.67
C GLY G 111 7.39 -3.81 7.60
N LEU G 112 7.57 -4.36 6.40
CA LEU G 112 8.35 -5.63 6.19
C LEU G 112 9.24 -5.49 4.99
N ILE G 113 10.43 -6.04 5.09
CA ILE G 113 11.28 -6.18 3.93
C ILE G 113 10.69 -7.37 3.18
N VAL G 114 10.48 -7.23 1.86
CA VAL G 114 9.87 -8.36 1.06
C VAL G 114 10.64 -8.67 -0.20
N GLY G 115 11.84 -8.10 -0.33
CA GLY G 115 12.58 -8.33 -1.63
C GLY G 115 13.95 -7.69 -1.55
N PHE G 116 14.92 -8.25 -2.26
CA PHE G 116 16.28 -7.67 -2.38
C PHE G 116 16.67 -7.53 -3.84
N LYS G 117 17.46 -6.48 -4.10
CA LYS G 117 18.10 -6.33 -5.38
C LYS G 117 19.47 -5.71 -5.13
N GLY G 118 20.35 -5.74 -6.15
CA GLY G 118 21.68 -5.19 -5.93
C GLY G 118 22.63 -5.63 -7.00
N SER G 119 23.88 -5.83 -6.64
CA SER G 119 24.87 -6.13 -7.67
C SER G 119 26.02 -6.77 -6.88
N ILE G 120 26.56 -7.86 -7.42
CA ILE G 120 27.70 -8.55 -6.83
C ILE G 120 28.75 -8.85 -7.92
N GLY G 121 29.98 -8.47 -7.57
CA GLY G 121 31.15 -8.73 -8.37
C GLY G 121 31.96 -9.77 -7.62
N TYR G 122 33.20 -9.40 -7.27
CA TYR G 122 33.91 -10.19 -6.26
C TYR G 122 33.14 -10.07 -4.95
N TRP G 123 32.55 -8.88 -4.69
CA TRP G 123 31.86 -8.65 -3.42
C TRP G 123 30.52 -8.02 -3.70
N LEU G 124 29.70 -7.87 -2.67
CA LEU G 124 28.37 -7.27 -2.81
C LEU G 124 28.63 -5.74 -3.07
N ASP G 125 28.37 -5.23 -4.28
CA ASP G 125 28.71 -3.82 -4.58
C ASP G 125 27.74 -2.86 -3.84
N TYR G 126 26.45 -3.17 -3.97
CA TYR G 126 25.36 -2.37 -3.38
C TYR G 126 24.10 -3.22 -3.35
N PHE G 127 23.08 -2.75 -2.59
CA PHE G 127 21.81 -3.46 -2.59
C PHE G 127 20.71 -2.51 -2.14
N SER G 128 19.47 -2.92 -2.46
CA SER G 128 18.31 -2.18 -1.99
C SER G 128 17.28 -3.19 -1.52
N MET G 129 16.20 -2.67 -0.94
CA MET G 129 15.20 -3.56 -0.33
C MET G 129 13.82 -3.09 -0.71
N TYR G 130 12.96 -4.04 -1.05
CA TYR G 130 11.54 -3.75 -1.30
C TYR G 130 10.84 -3.83 0.08
N LEU G 131 9.97 -2.89 0.34
CA LEU G 131 9.24 -2.87 1.64
C LEU G 131 7.75 -2.87 1.32
N SER G 132 6.98 -3.48 2.22
CA SER G 132 5.56 -3.46 2.13
C SER G 132 4.96 -3.55 3.54
N LEU G 133 3.68 -3.17 3.66
CA LEU G 133 2.89 -3.50 4.87
C LEU G 133 2.47 -4.99 4.85
N SER H 3 1.97 -0.80 -16.86
CA SER H 3 0.61 -0.43 -16.24
C SER H 3 0.05 -1.59 -15.46
N GLY H 4 0.19 -2.78 -16.05
CA GLY H 4 -0.30 -4.00 -15.47
C GLY H 4 0.51 -4.61 -14.38
N ILE H 5 1.70 -4.08 -14.06
CA ILE H 5 2.53 -4.65 -13.04
C ILE H 5 2.41 -3.81 -11.75
N SER H 6 2.24 -4.51 -10.65
CA SER H 6 2.07 -3.78 -9.42
C SER H 6 3.38 -3.21 -8.94
N GLN H 7 3.30 -2.34 -7.94
CA GLN H 7 4.55 -1.72 -7.47
C GLN H 7 4.70 -1.76 -5.97
N THR H 8 5.93 -1.50 -5.53
CA THR H 8 6.27 -1.65 -4.13
C THR H 8 7.24 -0.55 -3.77
N VAL H 9 7.18 -0.06 -2.52
CA VAL H 9 8.27 0.83 -2.00
C VAL H 9 9.64 0.14 -2.12
N ILE H 10 10.65 0.86 -2.57
CA ILE H 10 12.06 0.32 -2.60
C ILE H 10 12.96 1.38 -1.96
N VAL H 11 13.68 0.99 -0.90
CA VAL H 11 14.67 1.88 -0.32
C VAL H 11 16.12 1.36 -0.61
N GLY H 12 17.07 2.31 -0.76
CA GLY H 12 18.41 1.98 -1.21
C GLY H 12 18.71 2.78 -2.47
N PRO H 13 19.87 2.56 -3.12
CA PRO H 13 20.79 1.54 -2.64
C PRO H 13 21.76 2.02 -1.56
N TRP H 14 22.35 1.06 -0.87
CA TRP H 14 23.53 1.31 -0.02
C TRP H 14 24.74 0.57 -0.52
N GLY H 15 25.91 1.19 -0.50
CA GLY H 15 27.14 0.56 -1.11
C GLY H 15 27.72 1.51 -2.16
N ALA H 16 28.29 0.99 -3.23
CA ALA H 16 28.88 1.79 -4.33
C ALA H 16 27.83 2.53 -5.14
N LYS H 17 28.26 3.54 -5.90
CA LYS H 17 27.54 4.11 -7.06
C LYS H 17 27.29 3.06 -8.15
C1 GLA I . 21.26 19.48 29.66
C2 GLA I . 21.31 18.90 28.28
C3 GLA I . 20.43 19.79 27.35
C4 GLA I . 18.91 19.83 27.83
C5 GLA I . 18.90 20.23 29.33
C6 GLA I . 17.52 20.11 29.94
O1 GLA I . 21.89 20.81 29.59
O2 GLA I . 22.69 18.88 27.83
O3 GLA I . 20.61 19.41 25.95
O4 GLA I . 18.17 18.59 27.66
O5 GLA I . 19.85 19.46 30.10
O6 GLA I . 17.45 21.13 30.91
C1 GLA I . 17.15 18.58 26.58
C2 GLA I . 16.11 17.41 26.92
C3 GLA I . 16.83 16.07 26.73
C4 GLA I . 17.38 16.00 25.27
C5 GLA I . 18.45 17.22 24.96
C6 GLA I . 19.15 17.13 23.57
O2 GLA I . 15.72 17.44 28.33
O3 GLA I . 15.98 14.92 27.06
O4 GLA I . 16.20 15.87 24.39
O5 GLA I . 17.83 18.50 25.14
O6 GLA I . 18.26 17.60 22.47
C1 GLA J . 39.78 -5.74 -8.98
C2 GLA J . 38.72 -5.68 -7.85
C3 GLA J . 37.90 -6.99 -7.73
C4 GLA J . 37.26 -7.34 -9.13
C5 GLA J . 38.44 -7.45 -10.14
C6 GLA J . 38.00 -7.95 -11.51
O1 GLA J . 40.76 -6.67 -8.56
O2 GLA J . 39.37 -5.39 -6.62
O3 GLA J . 36.90 -6.77 -6.73
O4 GLA J . 36.35 -6.33 -9.58
O5 GLA J . 39.12 -6.11 -10.23
O6 GLA J . 39.16 -7.99 -12.39
C1 GLA J . 34.99 -6.92 -9.74
C2 GLA J . 34.19 -6.11 -10.75
C3 GLA J . 33.87 -4.67 -10.21
C4 GLA J . 33.24 -4.78 -8.79
C5 GLA J . 34.18 -5.65 -7.88
C6 GLA J . 33.85 -5.62 -6.41
O2 GLA J . 34.91 -5.97 -12.00
O3 GLA J . 33.01 -4.04 -11.19
O4 GLA J . 31.97 -5.41 -8.99
O5 GLA J . 34.31 -6.97 -8.43
O6 GLA J . 32.73 -6.48 -6.19
C1 EDO K . -16.45 13.29 -10.47
O1 EDO K . -16.42 12.31 -11.52
C2 EDO K . -15.57 12.96 -9.30
O2 EDO K . -14.19 13.05 -9.66
C1 EDO L . -23.82 17.92 7.24
O1 EDO L . -24.19 17.07 8.33
C2 EDO L . -24.12 19.34 7.66
O2 EDO L . -22.86 19.79 8.15
C1 EDO M . -31.28 24.40 -1.39
O1 EDO M . -31.48 24.62 -2.79
C2 EDO M . -30.49 23.12 -1.14
O2 EDO M . -29.51 23.00 -2.17
C1 IPA N . -18.27 20.25 12.10
C2 IPA N . -17.99 21.68 12.53
C3 IPA N . -17.32 22.40 11.36
O2 IPA N . -19.21 22.34 12.97
C1 IPA O . -17.25 20.57 15.45
C2 IPA O . -17.78 20.68 16.88
C3 IPA O . -18.64 21.90 17.04
O2 IPA O . -18.59 19.56 17.16
C1 IPA P . -10.09 8.27 18.35
C2 IPA P . -10.50 9.37 19.31
C3 IPA P . -9.91 10.71 18.92
O2 IPA P . -11.93 9.45 19.35
C1 PEG Q . -29.85 13.61 -11.10
O1 PEG Q . -29.07 13.88 -9.93
C2 PEG Q . -29.78 14.78 -12.06
O2 PEG Q . -29.66 16.01 -11.37
C3 PEG Q . -29.82 17.03 -12.34
C4 PEG Q . -28.55 17.80 -12.67
O4 PEG Q . -28.98 19.00 -13.28
C1 IPA R . 7.73 6.43 -14.65
C2 IPA R . 6.30 6.98 -14.83
C3 IPA R . 5.36 6.42 -13.76
O2 IPA R . 6.22 8.42 -14.84
C1 EDO S . -0.96 1.40 -10.23
O1 EDO S . -1.65 0.17 -10.39
C2 EDO S . -2.02 2.35 -9.71
O2 EDO S . -1.97 3.57 -10.47
C1 EDO T . -4.03 0.42 -12.49
O1 EDO T . -4.35 1.71 -11.93
C2 EDO T . -3.30 0.50 -13.83
O2 EDO T . -2.38 1.56 -13.73
C1 EDO U . -3.96 3.87 -16.62
O1 EDO U . -4.09 3.24 -17.91
C2 EDO U . -2.55 4.43 -16.42
O2 EDO U . -2.74 5.75 -15.91
C1 EDO V . -5.57 -23.03 -2.54
O1 EDO V . -5.45 -22.52 -1.22
C2 EDO V . -5.37 -21.92 -3.54
O2 EDO V . -4.26 -22.18 -4.43
C1 EDO W . -10.63 -24.38 -17.19
O1 EDO W . -10.18 -25.10 -18.34
C2 EDO W . -9.50 -24.25 -16.14
O2 EDO W . -9.39 -25.52 -15.42
C1 EDO X . -21.50 -24.24 -23.16
O1 EDO X . -22.84 -23.81 -22.93
C2 EDO X . -21.16 -24.18 -24.65
O2 EDO X . -20.97 -22.81 -24.99
C1 EDO Y . 4.40 -19.99 -19.70
O1 EDO Y . 4.09 -20.82 -18.58
C2 EDO Y . 5.59 -20.63 -20.39
O2 EDO Y . 6.79 -20.21 -19.74
C1 EDO Z . -4.94 -28.76 -8.50
O1 EDO Z . -5.40 -28.44 -9.85
C2 EDO Z . -4.34 -27.52 -7.85
O2 EDO Z . -3.39 -26.90 -8.69
C1 EDO AA . -12.59 -16.10 -25.52
O1 EDO AA . -13.73 -15.24 -25.31
C2 EDO AA . -11.28 -15.42 -25.16
O2 EDO AA . -10.86 -14.47 -26.16
C1 EDO BA . -9.59 -23.12 -24.71
O1 EDO BA . -9.60 -22.10 -25.70
C2 EDO BA . -8.20 -23.23 -24.13
O2 EDO BA . -8.29 -23.96 -22.91
C1 IPA CA . -29.61 -37.10 -10.36
C2 IPA CA . -28.35 -36.28 -10.67
C3 IPA CA . -28.18 -35.80 -12.11
O2 IPA CA . -28.29 -35.16 -9.80
C1 EDO DA . -2.84 9.97 4.40
O1 EDO DA . -3.38 9.83 5.68
C2 EDO DA . -3.68 11.04 3.75
O2 EDO DA . -3.91 10.40 2.50
C1 EDO EA . 10.24 11.46 23.81
O1 EDO EA . 11.15 10.35 23.64
C2 EDO EA . 11.07 12.71 23.56
O2 EDO EA . 12.47 12.45 23.83
C1 EDO FA . 2.77 25.61 0.47
O1 EDO FA . 2.25 25.85 -0.83
C2 EDO FA . 3.89 26.61 0.76
O2 EDO FA . 3.31 27.62 1.58
C1 EDO GA . 10.92 26.29 11.70
O1 EDO GA . 10.57 26.67 13.06
C2 EDO GA . 12.38 26.73 11.51
O2 EDO GA . 12.37 28.16 11.36
C1 EDO HA . 0.13 21.79 -7.78
O1 EDO HA . -0.56 20.82 -6.96
C2 EDO HA . 0.80 22.89 -6.97
O2 EDO HA . -0.13 23.37 -5.98
C1 EDO IA . -5.07 24.46 7.32
O1 EDO IA . -5.12 23.65 8.55
C2 EDO IA . -3.95 23.86 6.44
O2 EDO IA . -2.71 24.28 7.05
C1 EDO JA . 20.12 33.61 13.77
O1 EDO JA . 20.78 34.79 14.19
C2 EDO JA . 20.32 33.48 12.26
O2 EDO JA . 21.59 32.86 12.03
C1 EDO KA . -8.52 17.56 1.72
O1 EDO KA . -8.43 16.52 0.74
C2 EDO KA . -7.78 18.81 1.32
O2 EDO KA . -7.96 19.06 -0.09
C1 EDO LA . 30.95 14.37 16.89
O1 EDO LA . 29.68 14.83 16.42
C2 EDO LA . 30.81 13.81 18.28
O2 EDO LA . 30.11 12.55 18.20
C1 EDO MA . -9.60 21.98 1.20
O1 EDO MA . -10.56 23.01 1.48
C2 EDO MA . -8.35 22.28 2.00
O2 EDO MA . -7.79 23.55 1.60
C1 EDO NA . 3.27 0.35 1.30
O1 EDO NA . 2.67 -0.99 1.31
C2 EDO NA . 2.95 1.15 0.06
O2 EDO NA . 2.15 2.38 0.19
C1 IPA OA . 7.53 8.92 -7.45
C2 IPA OA . 8.73 8.09 -6.97
C3 IPA OA . 9.36 8.65 -5.73
O2 IPA OA . 8.38 6.82 -6.49
C1 EDO PA . 4.10 -10.95 -4.61
O1 EDO PA . 3.28 -10.77 -3.44
C2 EDO PA . 4.67 -9.57 -4.95
O2 EDO PA . 4.70 -8.74 -3.77
C1 EDO QA . 25.40 -25.13 4.42
O1 EDO QA . 23.97 -24.99 4.24
C2 EDO QA . 26.06 -23.78 4.60
O2 EDO QA . 25.13 -22.82 5.15
C1 EDO RA . 36.53 0.42 4.94
O1 EDO RA . 36.12 -0.77 5.57
C2 EDO RA . 37.94 0.73 5.36
O2 EDO RA . 38.54 1.01 4.09
C1 EDO SA . 5.41 -6.57 11.47
O1 EDO SA . 3.99 -6.46 11.42
C2 EDO SA . 6.19 -5.31 11.10
O2 EDO SA . 5.39 -4.13 11.04
#